data_8FW0
#
_entry.id   8FW0
#
_cell.length_a   219.312
_cell.length_b   84.593
_cell.length_c   59.114
_cell.angle_alpha   90.000
_cell.angle_beta   103.123
_cell.angle_gamma   90.000
#
_symmetry.space_group_name_H-M   'C 1 2 1'
#
loop_
_entity.id
_entity.type
_entity.pdbx_description
1 polymer 'HTH-type transcriptional regulator MtrR'
2 non-polymer ESTRADIOL
3 non-polymer 'PHOSPHATE ION'
4 non-polymer GLYCEROL
5 water water
#
_entity_poly.entity_id   1
_entity_poly.type   'polypeptide(L)'
_entity_poly.pdbx_seq_one_letter_code
;SNA(MSE)RKTKTEALKTKEHL(MSE)LAALETFYRKGIARTSLNEIAQAAGVTRGALYWHFKNKEDLFDALFQRICDDI
ENCIAQDAADAEGGSWTVFRHTLLHFFERLQSNDIHYKFHNILFLKCEHTEQNAAVIAIARKHQAIWREKITAVLTEAVE
NQDLADDLDKETAVIFIKSTLDGLIWRWFSSGESFDLGKTAPRIIGI(MSE)(MSE)DNLENHPCLRRK
;
_entity_poly.pdbx_strand_id   A,B,C,D
#
# COMPACT_ATOMS: atom_id res chain seq x y z
N LEU A 12 12.36 -18.93 20.37
CA LEU A 12 12.22 -17.48 20.25
C LEU A 12 11.94 -17.09 18.82
N LYS A 13 12.00 -18.07 17.92
CA LYS A 13 11.65 -17.82 16.53
C LYS A 13 10.18 -18.06 16.24
N THR A 14 9.52 -18.88 17.06
CA THR A 14 8.07 -19.02 16.97
C THR A 14 7.38 -17.72 17.36
N LYS A 15 7.92 -17.02 18.36
CA LYS A 15 7.35 -15.77 18.79
C LYS A 15 7.42 -14.74 17.69
N GLU A 16 8.56 -14.67 16.98
CA GLU A 16 8.70 -13.67 15.93
C GLU A 16 7.78 -13.92 14.76
N HIS A 17 7.45 -15.18 14.49
CA HIS A 17 6.52 -15.46 13.40
C HIS A 17 5.09 -15.10 13.78
N LEU A 18 4.74 -15.25 15.06
CA LEU A 18 3.40 -14.85 15.49
C LEU A 18 3.28 -13.34 15.52
N LEU A 20 4.80 -11.18 13.58
CA LEU A 20 4.73 -10.58 12.25
C LEU A 20 3.39 -10.81 11.59
N ALA A 21 2.74 -11.94 11.89
CA ALA A 21 1.38 -12.16 11.39
C ALA A 21 0.43 -11.14 11.99
N ALA A 22 0.61 -10.82 13.28
CA ALA A 22 -0.15 -9.75 13.88
C ALA A 22 0.15 -8.40 13.24
N LEU A 23 1.43 -8.05 13.10
CA LEU A 23 1.76 -6.79 12.45
C LEU A 23 1.12 -6.75 11.07
N GLU A 24 1.23 -7.86 10.33
CA GLU A 24 0.65 -7.91 9.01
C GLU A 24 -0.88 -7.78 9.07
N THR A 25 -1.52 -8.46 10.03
CA THR A 25 -2.98 -8.36 10.14
C THR A 25 -3.43 -6.99 10.66
N PHE A 26 -2.70 -6.44 11.65
CA PHE A 26 -2.98 -5.08 12.13
C PHE A 26 -2.89 -4.07 10.99
N TYR A 27 -1.95 -4.27 10.08
CA TYR A 27 -1.76 -3.30 9.01
C TYR A 27 -2.91 -3.31 8.01
N ARG A 28 -3.48 -4.49 7.73
CA ARG A 28 -4.52 -4.60 6.72
C ARG A 28 -5.90 -4.22 7.26
N LYS A 29 -6.18 -4.52 8.53
CA LYS A 29 -7.51 -4.29 9.10
C LYS A 29 -7.56 -3.24 10.20
N GLY A 30 -6.42 -2.81 10.74
CA GLY A 30 -6.40 -2.03 11.95
C GLY A 30 -6.49 -2.90 13.18
N ILE A 31 -6.12 -2.31 14.32
CA ILE A 31 -6.03 -3.11 15.54
C ILE A 31 -7.41 -3.48 16.05
N ALA A 32 -8.35 -2.54 15.99
CA ALA A 32 -9.64 -2.78 16.60
C ALA A 32 -10.37 -3.95 15.95
N ARG A 33 -10.31 -4.05 14.62
CA ARG A 33 -11.06 -5.08 13.89
C ARG A 33 -10.32 -6.40 13.74
N THR A 34 -9.04 -6.44 14.09
CA THR A 34 -8.30 -7.69 14.07
C THR A 34 -8.76 -8.58 15.22
N SER A 35 -8.89 -9.87 14.95
CA SER A 35 -9.15 -10.85 15.99
C SER A 35 -7.99 -11.84 16.08
N LEU A 36 -7.87 -12.46 17.25
CA LEU A 36 -6.84 -13.47 17.47
C LEU A 36 -6.94 -14.60 16.45
N ASN A 37 -8.16 -15.02 16.13
CA ASN A 37 -8.38 -16.02 15.09
C ASN A 37 -7.64 -15.68 13.81
N GLU A 38 -7.85 -14.46 13.32
CA GLU A 38 -7.22 -14.05 12.07
C GLU A 38 -5.71 -13.98 12.22
N ILE A 39 -5.22 -13.65 13.41
CA ILE A 39 -3.77 -13.63 13.59
C ILE A 39 -3.23 -15.05 13.52
N ALA A 40 -3.84 -15.96 14.27
CA ALA A 40 -3.37 -17.33 14.28
C ALA A 40 -3.48 -17.96 12.91
N GLN A 41 -4.58 -17.68 12.20
CA GLN A 41 -4.71 -18.12 10.81
C GLN A 41 -3.57 -17.59 9.97
N ALA A 42 -3.42 -16.26 9.92
CA ALA A 42 -2.31 -15.67 9.17
C ALA A 42 -0.99 -16.34 9.51
N ALA A 43 -0.77 -16.69 10.77
CA ALA A 43 0.44 -17.38 11.14
C ALA A 43 0.37 -18.87 10.87
N GLY A 44 -0.80 -19.37 10.44
CA GLY A 44 -1.01 -20.81 10.26
C GLY A 44 -0.73 -21.64 11.50
N VAL A 45 -1.25 -21.21 12.66
CA VAL A 45 -1.17 -21.99 13.90
C VAL A 45 -2.53 -21.94 14.57
N THR A 46 -2.73 -22.81 15.55
CA THR A 46 -4.01 -22.85 16.23
C THR A 46 -4.16 -21.68 17.20
N ARG A 47 -5.41 -21.43 17.61
CA ARG A 47 -5.69 -20.43 18.64
C ARG A 47 -4.92 -20.73 19.92
N GLY A 48 -4.89 -21.99 20.35
CA GLY A 48 -4.18 -22.33 21.57
C GLY A 48 -2.70 -22.04 21.48
N ALA A 49 -2.09 -22.34 20.33
CA ALA A 49 -0.63 -22.19 20.19
C ALA A 49 -0.24 -20.73 20.22
N LEU A 50 -1.00 -19.87 19.55
CA LEU A 50 -0.86 -18.43 19.74
C LEU A 50 -1.03 -18.05 21.21
N TYR A 51 -2.08 -18.57 21.85
CA TYR A 51 -2.37 -18.18 23.22
C TYR A 51 -1.19 -18.48 24.13
N TRP A 52 -0.43 -19.53 23.82
CA TRP A 52 0.72 -19.89 24.64
C TRP A 52 1.74 -18.77 24.68
N HIS A 53 2.05 -18.18 23.53
CA HIS A 53 3.06 -17.13 23.46
C HIS A 53 2.53 -15.74 23.74
N PHE A 54 1.28 -15.44 23.39
CA PHE A 54 0.71 -14.10 23.51
C PHE A 54 -0.74 -14.24 23.94
N LYS A 55 -1.09 -13.69 25.12
CA LYS A 55 -2.46 -13.84 25.61
C LYS A 55 -3.48 -13.08 24.80
N ASN A 56 -3.12 -11.94 24.23
CA ASN A 56 -4.12 -11.04 23.68
C ASN A 56 -3.43 -10.14 22.67
N LYS A 57 -4.22 -9.26 22.04
CA LYS A 57 -3.64 -8.36 21.04
C LYS A 57 -2.75 -7.31 21.68
N GLU A 58 -3.10 -6.91 22.92
CA GLU A 58 -2.27 -5.98 23.67
C GLU A 58 -0.85 -6.52 23.76
N ASP A 59 -0.72 -7.82 24.03
CA ASP A 59 0.61 -8.38 24.23
C ASP A 59 1.38 -8.49 22.91
N LEU A 60 0.66 -8.69 21.79
CA LEU A 60 1.33 -8.68 20.49
C LEU A 60 1.76 -7.28 20.10
N PHE A 61 0.86 -6.31 20.26
CA PHE A 61 1.22 -4.92 20.00
C PHE A 61 2.38 -4.49 20.89
N ASP A 62 2.34 -4.87 22.17
CA ASP A 62 3.43 -4.52 23.08
C ASP A 62 4.76 -5.08 22.59
N ALA A 63 4.76 -6.34 22.11
CA ALA A 63 6.00 -6.94 21.61
C ALA A 63 6.45 -6.26 20.34
N LEU A 64 5.51 -5.91 19.46
CA LEU A 64 5.87 -5.17 18.26
C LEU A 64 6.50 -3.84 18.61
N PHE A 65 5.84 -3.06 19.48
CA PHE A 65 6.43 -1.82 19.94
C PHE A 65 7.82 -2.06 20.54
N GLN A 66 7.97 -3.16 21.31
CA GLN A 66 9.26 -3.48 21.91
C GLN A 66 10.31 -3.77 20.84
N ARG A 67 9.91 -4.37 19.73
CA ARG A 67 10.92 -4.68 18.72
C ARG A 67 11.33 -3.42 17.96
N ILE A 68 10.40 -2.50 17.72
CA ILE A 68 10.80 -1.24 17.09
C ILE A 68 11.86 -0.55 17.93
N CYS A 69 11.63 -0.48 19.25
CA CYS A 69 12.56 0.19 20.13
C CYS A 69 13.89 -0.56 20.22
N ASP A 70 13.85 -1.89 20.23
CA ASP A 70 15.09 -2.67 20.20
C ASP A 70 15.91 -2.37 18.94
N ASP A 71 15.25 -2.28 17.77
CA ASP A 71 15.99 -1.98 16.55
C ASP A 71 16.71 -0.64 16.66
N ILE A 72 16.00 0.39 17.16
CA ILE A 72 16.60 1.71 17.29
C ILE A 72 17.76 1.69 18.26
N GLU A 73 17.56 1.05 19.43
CA GLU A 73 18.64 1.00 20.43
C GLU A 73 19.83 0.18 19.94
N ASN A 74 19.58 -0.93 19.24
CA ASN A 74 20.69 -1.75 18.77
C ASN A 74 21.54 -1.02 17.74
N CYS A 75 20.93 -0.15 16.94
CA CYS A 75 21.71 0.57 15.93
C CYS A 75 22.52 1.71 16.53
N ILE A 76 22.07 2.29 17.64
CA ILE A 76 22.91 3.24 18.36
C ILE A 76 24.22 2.58 18.79
N ALA A 77 24.16 1.34 19.26
CA ALA A 77 25.33 0.65 19.75
C ALA A 77 26.31 0.35 18.63
N GLN A 78 25.99 0.76 17.41
CA GLN A 78 26.86 0.53 16.26
C GLN A 78 26.64 1.62 15.20
N GLY A 85 32.35 11.38 18.40
CA GLY A 85 31.32 12.28 17.91
C GLY A 85 30.64 13.11 18.98
N GLY A 86 30.31 12.48 20.10
CA GLY A 86 29.48 13.05 21.15
C GLY A 86 28.02 12.62 20.99
N SER A 87 27.33 12.48 22.14
CA SER A 87 25.98 11.92 22.11
C SER A 87 24.98 12.84 21.44
N TRP A 88 25.17 14.15 21.53
CA TRP A 88 24.34 15.10 20.81
C TRP A 88 24.47 14.93 19.29
N THR A 89 25.67 14.58 18.81
CA THR A 89 25.81 14.18 17.42
C THR A 89 25.16 12.83 17.17
N VAL A 90 25.23 11.92 18.16
CA VAL A 90 24.62 10.60 18.00
C VAL A 90 23.11 10.74 17.92
N PHE A 91 22.54 11.68 18.67
CA PHE A 91 21.10 11.92 18.62
C PHE A 91 20.65 12.30 17.21
N ARG A 92 21.27 13.34 16.64
CA ARG A 92 20.97 13.75 15.27
C ARG A 92 20.99 12.58 14.31
N HIS A 93 22.08 11.81 14.32
CA HIS A 93 22.19 10.66 13.44
C HIS A 93 21.05 9.68 13.67
N THR A 94 20.63 9.51 14.93
CA THR A 94 19.60 8.52 15.23
C THR A 94 18.23 8.99 14.74
N LEU A 95 17.97 10.30 14.83
CA LEU A 95 16.75 10.85 14.25
C LEU A 95 16.73 10.66 12.75
N LEU A 96 17.85 10.97 12.08
CA LEU A 96 17.93 10.82 10.63
C LEU A 96 17.70 9.37 10.23
N HIS A 97 18.40 8.43 10.89
CA HIS A 97 18.24 7.03 10.53
C HIS A 97 16.83 6.52 10.85
N PHE A 98 16.19 7.07 11.88
CA PHE A 98 14.83 6.64 12.17
C PHE A 98 13.91 6.89 10.97
N PHE A 99 14.09 8.02 10.29
CA PHE A 99 13.21 8.35 9.18
C PHE A 99 13.60 7.60 7.91
N GLU A 100 14.90 7.36 7.69
CA GLU A 100 15.30 6.46 6.62
C GLU A 100 14.67 5.10 6.81
N ARG A 101 14.75 4.57 8.04
CA ARG A 101 14.19 3.26 8.36
C ARG A 101 12.70 3.19 8.03
N LEU A 102 11.97 4.30 8.23
CA LEU A 102 10.55 4.33 7.89
C LEU A 102 10.30 4.05 6.42
N GLN A 103 11.24 4.40 5.55
CA GLN A 103 11.06 4.19 4.12
C GLN A 103 11.52 2.81 3.68
N SER A 104 12.66 2.36 4.20
CA SER A 104 13.37 1.18 3.71
C SER A 104 13.12 -0.10 4.51
N ASN A 105 12.44 -0.04 5.66
CA ASN A 105 12.23 -1.21 6.51
C ASN A 105 10.73 -1.45 6.68
N ASP A 106 10.24 -2.56 6.11
CA ASP A 106 8.81 -2.80 6.04
C ASP A 106 8.18 -2.92 7.43
N ILE A 107 8.91 -3.41 8.42
CA ILE A 107 8.32 -3.57 9.74
C ILE A 107 8.16 -2.21 10.42
N HIS A 108 9.16 -1.34 10.27
CA HIS A 108 9.02 -0.01 10.84
C HIS A 108 8.01 0.82 10.07
N TYR A 109 7.91 0.62 8.75
CA TYR A 109 6.84 1.28 8.00
C TYR A 109 5.48 0.85 8.53
N LYS A 110 5.19 -0.44 8.44
CA LYS A 110 3.87 -0.92 8.83
C LYS A 110 3.54 -0.53 10.26
N PHE A 111 4.52 -0.67 11.18
CA PHE A 111 4.23 -0.43 12.59
C PHE A 111 3.81 1.02 12.82
N HIS A 112 4.61 1.96 12.32
CA HIS A 112 4.26 3.37 12.53
C HIS A 112 3.01 3.76 11.75
N ASN A 113 2.75 3.08 10.63
CA ASN A 113 1.49 3.29 9.95
C ASN A 113 0.32 2.87 10.83
N ILE A 114 0.42 1.69 11.46
CA ILE A 114 -0.64 1.25 12.38
C ILE A 114 -0.78 2.24 13.53
N LEU A 115 0.34 2.61 14.16
CA LEU A 115 0.30 3.45 15.36
C LEU A 115 -0.36 4.80 15.05
N PHE A 116 -0.08 5.37 13.89
CA PHE A 116 -0.62 6.69 13.60
C PHE A 116 -1.94 6.69 12.84
N LEU A 117 -2.29 5.61 12.14
CA LEU A 117 -3.46 5.60 11.27
C LEU A 117 -4.50 4.53 11.60
N LYS A 118 -4.14 3.48 12.31
CA LYS A 118 -5.06 2.35 12.48
C LYS A 118 -5.17 1.96 13.94
N CYS A 119 -5.16 2.95 14.82
CA CYS A 119 -5.16 2.76 16.25
C CYS A 119 -6.13 3.76 16.89
N GLU A 120 -7.41 3.55 16.62
CA GLU A 120 -8.48 4.45 17.05
C GLU A 120 -8.54 4.54 18.57
N HIS A 121 -8.88 5.72 19.08
CA HIS A 121 -8.93 5.93 20.54
C HIS A 121 -10.36 5.74 21.05
N THR A 122 -10.82 4.50 20.93
CA THR A 122 -12.11 4.05 21.44
C THR A 122 -11.89 3.20 22.68
N GLU A 123 -13.00 2.85 23.33
CA GLU A 123 -12.92 2.08 24.56
C GLU A 123 -12.45 0.66 24.30
N GLN A 124 -12.80 0.08 23.15
CA GLN A 124 -12.29 -1.26 22.88
C GLN A 124 -10.77 -1.28 22.74
N ASN A 125 -10.18 -0.20 22.25
CA ASN A 125 -8.73 -0.11 22.10
C ASN A 125 -8.05 0.48 23.35
N ALA A 126 -8.78 0.66 24.45
CA ALA A 126 -8.22 1.35 25.60
C ALA A 126 -6.93 0.68 26.07
N ALA A 127 -6.89 -0.65 26.05
CA ALA A 127 -5.73 -1.34 26.59
C ALA A 127 -4.53 -1.17 25.68
N VAL A 128 -4.76 -1.21 24.37
CA VAL A 128 -3.66 -1.00 23.41
C VAL A 128 -3.09 0.40 23.56
N ILE A 129 -3.96 1.40 23.78
CA ILE A 129 -3.52 2.78 23.88
C ILE A 129 -2.62 2.95 25.10
N ALA A 130 -3.03 2.36 26.24
CA ALA A 130 -2.20 2.35 27.44
C ALA A 130 -0.82 1.76 27.16
N ILE A 131 -0.78 0.65 26.42
CA ILE A 131 0.51 0.11 25.96
C ILE A 131 1.29 1.18 25.23
N ALA A 132 0.66 1.84 24.25
CA ALA A 132 1.38 2.82 23.44
C ALA A 132 1.91 3.96 24.30
N ARG A 133 1.13 4.38 25.30
CA ARG A 133 1.58 5.46 26.18
C ARG A 133 2.80 5.04 26.99
N LYS A 134 2.81 3.80 27.49
CA LYS A 134 3.95 3.27 28.21
C LYS A 134 5.25 3.41 27.40
N HIS A 135 5.23 2.99 26.13
CA HIS A 135 6.44 3.10 25.32
C HIS A 135 6.77 4.55 24.95
N GLN A 136 5.76 5.38 24.73
CA GLN A 136 6.03 6.79 24.46
C GLN A 136 6.65 7.46 25.68
N ALA A 137 6.21 7.06 26.88
CA ALA A 137 6.82 7.54 28.11
C ALA A 137 8.31 7.19 28.17
N ILE A 138 8.64 5.94 27.84
CA ILE A 138 10.03 5.51 27.81
C ILE A 138 10.84 6.39 26.88
N TRP A 139 10.32 6.64 25.68
CA TRP A 139 11.04 7.49 24.75
C TRP A 139 11.18 8.92 25.26
N ARG A 140 10.19 9.41 26.00
CA ARG A 140 10.30 10.74 26.55
C ARG A 140 11.41 10.81 27.58
N GLU A 141 11.52 9.79 28.43
CA GLU A 141 12.62 9.76 29.40
C GLU A 141 13.96 9.71 28.68
N LYS A 142 14.05 8.92 27.60
CA LYS A 142 15.30 8.83 26.88
C LYS A 142 15.67 10.16 26.22
N ILE A 143 14.68 10.88 25.66
CA ILE A 143 14.93 12.22 25.14
C ILE A 143 15.38 13.17 26.25
N THR A 144 14.73 13.10 27.40
CA THR A 144 15.10 13.94 28.54
C THR A 144 16.54 13.71 28.97
N ALA A 145 17.01 12.46 28.88
CA ALA A 145 18.40 12.16 29.25
C ALA A 145 19.37 12.72 28.21
N VAL A 146 19.05 12.55 26.92
CA VAL A 146 19.96 13.07 25.89
C VAL A 146 20.12 14.57 26.06
N LEU A 147 19.02 15.27 26.39
CA LEU A 147 19.10 16.71 26.64
C LEU A 147 19.91 17.00 27.89
N THR A 148 19.79 16.16 28.92
CA THR A 148 20.53 16.40 30.14
C THR A 148 22.04 16.23 29.91
N GLU A 149 22.45 15.15 29.26
CA GLU A 149 23.86 14.97 28.91
C GLU A 149 24.35 16.07 27.96
N ALA A 150 23.54 16.44 26.97
CA ALA A 150 23.98 17.48 26.04
C ALA A 150 24.24 18.81 26.73
N VAL A 151 23.51 19.11 27.81
CA VAL A 151 23.71 20.37 28.52
C VAL A 151 25.06 20.37 29.24
N GLU A 152 25.38 19.25 29.91
CA GLU A 152 26.61 19.20 30.68
C GLU A 152 27.84 19.18 29.77
N ASN A 153 27.72 18.52 28.62
CA ASN A 153 28.75 18.59 27.59
C ASN A 153 28.80 19.95 26.88
N GLN A 154 27.86 20.85 27.21
CA GLN A 154 27.75 22.21 26.66
C GLN A 154 27.44 22.20 25.17
N ASP A 155 26.85 21.11 24.68
CA ASP A 155 26.25 21.10 23.36
C ASP A 155 24.97 21.90 23.29
N LEU A 156 24.32 22.10 24.44
CA LEU A 156 23.16 22.98 24.58
C LEU A 156 23.43 23.92 25.74
N ALA A 157 22.65 24.99 25.82
CA ALA A 157 22.90 25.98 26.85
C ALA A 157 22.49 25.47 28.23
N ASP A 158 23.21 25.91 29.26
CA ASP A 158 22.81 25.62 30.64
C ASP A 158 21.38 26.08 30.90
N ASP A 159 20.92 27.12 30.21
CA ASP A 159 19.61 27.72 30.44
C ASP A 159 18.49 27.03 29.65
N LEU A 160 18.76 25.88 29.01
CA LEU A 160 17.75 25.23 28.18
C LEU A 160 16.55 24.77 28.99
N ASP A 161 15.37 25.21 28.57
CA ASP A 161 14.11 24.76 29.16
C ASP A 161 13.81 23.33 28.70
N LYS A 162 14.26 22.35 29.48
CA LYS A 162 14.23 20.96 29.03
C LYS A 162 12.82 20.41 28.98
N GLU A 163 11.93 20.86 29.88
CA GLU A 163 10.54 20.41 29.84
C GLU A 163 9.86 20.82 28.52
N THR A 164 10.10 22.06 28.09
CA THR A 164 9.53 22.51 26.82
C THR A 164 10.23 21.87 25.64
N ALA A 165 11.55 21.68 25.75
CA ALA A 165 12.34 21.13 24.66
C ALA A 165 11.89 19.72 24.31
N VAL A 166 11.54 18.89 25.31
CA VAL A 166 11.14 17.52 24.99
C VAL A 166 9.76 17.52 24.33
N ILE A 167 8.86 18.41 24.76
CA ILE A 167 7.59 18.55 24.03
C ILE A 167 7.86 18.99 22.60
N PHE A 168 8.81 19.90 22.44
CA PHE A 168 9.15 20.44 21.14
C PHE A 168 9.70 19.36 20.21
N ILE A 169 10.62 18.54 20.72
CA ILE A 169 11.20 17.47 19.90
C ILE A 169 10.11 16.48 19.49
N LYS A 170 9.31 16.01 20.44
CA LYS A 170 8.33 14.98 20.12
C LYS A 170 7.30 15.50 19.13
N SER A 171 6.83 16.73 19.30
CA SER A 171 5.77 17.19 18.41
C SER A 171 6.32 17.50 17.02
N THR A 172 7.58 17.94 16.93
CA THR A 172 8.26 18.06 15.64
C THR A 172 8.26 16.73 14.90
N LEU A 173 8.72 15.65 15.57
CA LEU A 173 8.81 14.35 14.92
C LEU A 173 7.41 13.75 14.70
N ASP A 174 6.55 13.83 15.71
CA ASP A 174 5.17 13.39 15.53
C ASP A 174 4.53 14.08 14.33
N GLY A 175 4.82 15.37 14.13
CA GLY A 175 4.17 16.09 13.04
C GLY A 175 4.61 15.61 11.68
N LEU A 176 5.91 15.39 11.50
CA LEU A 176 6.40 14.79 10.27
C LEU A 176 5.76 13.43 10.00
N ILE A 177 5.79 12.54 10.99
CA ILE A 177 5.28 11.20 10.78
C ILE A 177 3.79 11.26 10.47
N TRP A 178 3.04 12.01 11.28
CA TRP A 178 1.60 12.15 11.06
C TRP A 178 1.32 12.70 9.66
N ARG A 179 2.02 13.77 9.27
CA ARG A 179 1.75 14.44 8.00
C ARG A 179 2.10 13.51 6.84
N TRP A 180 3.25 12.85 6.92
CA TRP A 180 3.62 11.91 5.87
C TRP A 180 2.62 10.76 5.73
N PHE A 181 2.20 10.15 6.85
CA PHE A 181 1.30 9.00 6.72
C PHE A 181 -0.11 9.41 6.30
N SER A 182 -0.64 10.50 6.87
CA SER A 182 -2.04 10.82 6.70
C SER A 182 -2.34 11.52 5.37
N SER A 183 -1.32 12.06 4.71
CA SER A 183 -1.39 12.55 3.35
C SER A 183 -1.13 11.46 2.31
N GLY A 184 -1.05 10.19 2.71
CA GLY A 184 -0.74 9.15 1.74
C GLY A 184 0.66 9.22 1.20
N GLU A 185 1.62 9.68 2.00
CA GLU A 185 3.01 9.81 1.60
C GLU A 185 3.18 10.70 0.36
N SER A 186 2.54 11.89 0.42
CA SER A 186 2.49 12.86 -0.68
C SER A 186 3.83 13.50 -1.00
N PHE A 187 4.74 13.54 -0.06
CA PHE A 187 6.03 14.19 -0.28
C PHE A 187 7.12 13.17 -0.03
N ASP A 188 8.35 13.56 -0.30
CA ASP A 188 9.47 12.66 -0.19
C ASP A 188 10.11 12.84 1.17
N LEU A 189 9.88 11.86 2.05
CA LEU A 189 10.42 11.92 3.39
C LEU A 189 11.94 12.00 3.40
N GLY A 190 12.59 11.46 2.37
CA GLY A 190 14.04 11.53 2.30
C GLY A 190 14.59 12.93 2.15
N LYS A 191 13.88 13.81 1.44
CA LYS A 191 14.31 15.21 1.39
C LYS A 191 13.75 16.04 2.53
N THR A 192 12.55 15.70 3.01
CA THR A 192 11.90 16.57 3.98
C THR A 192 12.49 16.37 5.38
N ALA A 193 12.52 15.12 5.85
CA ALA A 193 12.97 14.82 7.21
C ALA A 193 14.31 15.44 7.57
N PRO A 194 15.36 15.35 6.75
CA PRO A 194 16.62 15.98 7.17
C PRO A 194 16.48 17.49 7.30
N ARG A 195 15.68 18.11 6.44
CA ARG A 195 15.50 19.55 6.54
C ARG A 195 14.73 19.93 7.80
N ILE A 196 13.72 19.16 8.15
CA ILE A 196 13.00 19.44 9.40
C ILE A 196 13.91 19.22 10.60
N ILE A 197 14.66 18.11 10.60
CA ILE A 197 15.51 17.78 11.75
C ILE A 197 16.61 18.82 11.92
N GLY A 198 17.20 19.27 10.80
CA GLY A 198 18.18 20.33 10.89
C GLY A 198 17.64 21.57 11.57
N ILE A 199 16.47 22.04 11.11
CA ILE A 199 15.89 23.26 11.69
C ILE A 199 15.62 23.09 13.18
N ASP A 202 18.82 23.27 15.12
CA ASP A 202 19.23 24.67 15.23
C ASP A 202 18.45 25.40 16.32
N ASN A 203 17.13 25.24 16.33
CA ASN A 203 16.30 25.91 17.33
C ASN A 203 16.68 25.47 18.73
N LEU A 204 16.96 24.17 18.92
CA LEU A 204 17.31 23.69 20.26
C LEU A 204 18.61 24.33 20.72
N GLU A 205 19.57 24.42 19.80
CA GLU A 205 20.84 25.05 20.12
C GLU A 205 20.68 26.55 20.33
N ASN A 206 19.94 27.25 19.44
CA ASN A 206 20.00 28.70 19.44
C ASN A 206 18.71 29.44 19.80
N HIS A 207 17.52 28.86 19.58
CA HIS A 207 16.34 29.73 19.70
C HIS A 207 16.09 30.12 21.15
N PRO A 208 15.93 31.41 21.44
CA PRO A 208 15.70 31.82 22.84
C PRO A 208 14.34 31.40 23.40
N CYS A 209 13.37 31.03 22.55
CA CYS A 209 12.10 30.51 23.07
C CYS A 209 12.23 29.18 23.81
N LEU A 210 13.32 28.45 23.62
CA LEU A 210 13.52 27.19 24.31
C LEU A 210 14.43 27.32 25.54
N ARG A 211 14.40 28.48 26.22
CA ARG A 211 15.20 28.70 27.41
C ARG A 211 14.36 29.42 28.47
N ARG A 212 14.87 29.38 29.70
CA ARG A 212 14.41 30.24 30.80
C ARG A 212 12.96 30.04 31.20
N LYS B 13 -32.61 24.41 13.42
CA LYS B 13 -32.22 23.79 14.68
C LYS B 13 -32.45 22.29 14.62
N THR B 14 -33.06 21.83 13.53
CA THR B 14 -33.11 20.40 13.26
C THR B 14 -31.81 19.92 12.63
N LYS B 15 -31.36 20.61 11.58
CA LYS B 15 -30.13 20.20 10.93
C LYS B 15 -28.93 20.33 11.86
N GLU B 16 -28.90 21.41 12.67
CA GLU B 16 -27.84 21.59 13.65
C GLU B 16 -27.88 20.50 14.73
N HIS B 17 -29.07 20.23 15.26
CA HIS B 17 -29.20 19.21 16.30
C HIS B 17 -28.68 17.86 15.82
N LEU B 18 -28.81 17.57 14.52
CA LEU B 18 -28.32 16.30 13.99
C LEU B 18 -26.80 16.28 13.95
N LEU B 20 -24.57 17.94 15.79
CA LEU B 20 -24.05 17.82 17.16
C LEU B 20 -24.23 16.41 17.70
N ALA B 21 -25.30 15.72 17.29
CA ALA B 21 -25.48 14.31 17.65
C ALA B 21 -24.49 13.43 16.90
N ALA B 22 -24.25 13.73 15.62
CA ALA B 22 -23.18 13.07 14.90
C ALA B 22 -21.84 13.29 15.60
N LEU B 23 -21.54 14.55 15.94
CA LEU B 23 -20.27 14.87 16.59
C LEU B 23 -20.15 14.11 17.92
N GLU B 24 -21.20 14.15 18.74
CA GLU B 24 -21.15 13.49 20.03
C GLU B 24 -20.96 11.98 19.87
N THR B 25 -21.53 11.40 18.82
CA THR B 25 -21.42 9.96 18.62
C THR B 25 -20.07 9.59 18.04
N PHE B 26 -19.61 10.34 17.03
CA PHE B 26 -18.27 10.14 16.49
C PHE B 26 -17.24 10.19 17.61
N TYR B 27 -17.39 11.15 18.52
CA TYR B 27 -16.44 11.32 19.61
C TYR B 27 -16.44 10.13 20.54
N ARG B 28 -17.63 9.53 20.75
CA ARG B 28 -17.79 8.44 21.71
C ARG B 28 -17.32 7.12 21.14
N LYS B 29 -17.78 6.77 19.95
CA LYS B 29 -17.53 5.45 19.37
C LYS B 29 -16.54 5.46 18.21
N GLY B 30 -16.20 6.60 17.65
CA GLY B 30 -15.42 6.65 16.44
C GLY B 30 -16.30 6.70 15.20
N ILE B 31 -15.72 7.16 14.10
CA ILE B 31 -16.50 7.34 12.88
C ILE B 31 -16.94 5.99 12.30
N ALA B 32 -16.00 5.05 12.19
CA ALA B 32 -16.31 3.79 11.52
C ALA B 32 -17.40 3.02 12.25
N ARG B 33 -17.29 2.91 13.58
CA ARG B 33 -18.27 2.16 14.37
C ARG B 33 -19.55 2.98 14.70
N THR B 34 -19.86 4.03 13.93
CA THR B 34 -21.07 4.84 14.13
C THR B 34 -21.99 4.71 12.93
N SER B 35 -23.31 4.64 13.17
CA SER B 35 -24.28 4.41 12.11
C SER B 35 -25.27 5.56 11.98
N LEU B 36 -25.73 5.78 10.75
CA LEU B 36 -26.67 6.87 10.48
C LEU B 36 -27.93 6.73 11.32
N ASN B 37 -28.24 5.51 11.78
CA ASN B 37 -29.40 5.26 12.64
C ASN B 37 -29.13 5.56 14.12
N GLU B 38 -27.93 5.26 14.64
CA GLU B 38 -27.65 5.62 16.04
C GLU B 38 -27.49 7.13 16.19
N ILE B 39 -27.09 7.84 15.14
CA ILE B 39 -27.13 9.29 15.16
C ILE B 39 -28.58 9.77 15.32
N ALA B 40 -29.50 9.10 14.61
CA ALA B 40 -30.92 9.46 14.72
C ALA B 40 -31.42 9.34 16.16
N GLN B 41 -31.01 8.28 16.87
CA GLN B 41 -31.43 8.10 18.25
C GLN B 41 -31.00 9.30 19.10
N ALA B 42 -29.72 9.65 19.02
CA ALA B 42 -29.20 10.78 19.78
C ALA B 42 -29.95 12.07 19.44
N ALA B 43 -30.14 12.33 18.14
CA ALA B 43 -30.91 13.52 17.76
C ALA B 43 -32.41 13.38 18.03
N GLY B 44 -32.92 12.15 18.20
CA GLY B 44 -34.34 11.93 18.41
C GLY B 44 -35.16 12.46 17.24
N VAL B 45 -34.91 11.90 16.07
CA VAL B 45 -35.49 12.38 14.82
C VAL B 45 -35.66 11.19 13.89
N THR B 46 -36.74 11.20 13.10
CA THR B 46 -37.00 10.11 12.18
C THR B 46 -35.93 10.05 11.10
N ARG B 47 -35.62 8.82 10.66
CA ARG B 47 -34.58 8.64 9.65
C ARG B 47 -34.92 9.34 8.34
N GLY B 48 -36.22 9.40 7.99
CA GLY B 48 -36.63 10.13 6.81
C GLY B 48 -36.38 11.62 6.93
N ALA B 49 -36.57 12.19 8.11
CA ALA B 49 -36.11 13.55 8.37
C ALA B 49 -34.59 13.63 8.29
N LEU B 50 -33.88 12.63 8.81
CA LEU B 50 -32.42 12.63 8.68
C LEU B 50 -32.02 12.64 7.21
N TYR B 51 -32.54 11.68 6.44
CA TYR B 51 -32.30 11.63 5.00
C TYR B 51 -32.75 12.91 4.29
N TRP B 52 -33.81 13.55 4.80
CA TRP B 52 -34.23 14.87 4.32
C TRP B 52 -33.06 15.84 4.29
N HIS B 53 -32.25 15.83 5.35
CA HIS B 53 -31.20 16.83 5.49
C HIS B 53 -29.85 16.35 4.97
N PHE B 54 -29.53 15.06 5.09
CA PHE B 54 -28.24 14.54 4.68
C PHE B 54 -28.40 13.20 3.98
N LYS B 55 -27.64 12.99 2.91
CA LYS B 55 -27.72 11.74 2.17
C LYS B 55 -27.18 10.56 2.99
N ASN B 56 -25.99 10.71 3.58
CA ASN B 56 -25.28 9.61 4.21
C ASN B 56 -24.37 10.15 5.32
N LYS B 57 -23.52 9.27 5.88
CA LYS B 57 -22.71 9.64 7.03
C LYS B 57 -21.59 10.61 6.66
N GLU B 58 -20.95 10.41 5.50
CA GLU B 58 -19.96 11.38 5.03
C GLU B 58 -20.53 12.78 4.98
N ASP B 59 -21.83 12.91 4.74
CA ASP B 59 -22.45 14.22 4.69
C ASP B 59 -22.43 14.90 6.05
N LEU B 60 -22.85 14.16 7.09
CA LEU B 60 -22.75 14.65 8.46
C LEU B 60 -21.34 15.10 8.79
N PHE B 61 -20.36 14.28 8.43
CA PHE B 61 -18.95 14.62 8.64
C PHE B 61 -18.55 15.83 7.81
N ASP B 62 -18.95 15.89 6.54
CA ASP B 62 -18.63 17.04 5.71
C ASP B 62 -19.22 18.32 6.28
N ALA B 63 -20.41 18.24 6.89
CA ALA B 63 -20.99 19.43 7.50
C ALA B 63 -20.26 19.81 8.79
N LEU B 64 -19.85 18.83 9.57
CA LEU B 64 -19.02 19.14 10.74
C LEU B 64 -17.72 19.84 10.32
N PHE B 65 -17.06 19.32 9.29
CA PHE B 65 -15.82 19.94 8.85
C PHE B 65 -16.07 21.36 8.35
N GLN B 66 -17.21 21.57 7.67
CA GLN B 66 -17.50 22.88 7.11
C GLN B 66 -17.80 23.89 8.21
N ARG B 67 -18.46 23.44 9.28
CA ARG B 67 -18.70 24.31 10.42
C ARG B 67 -17.41 24.74 11.10
N ILE B 68 -16.47 23.80 11.28
CA ILE B 68 -15.17 24.14 11.83
C ILE B 68 -14.52 25.24 11.00
N CYS B 69 -14.48 25.04 9.68
CA CYS B 69 -13.83 26.00 8.81
C CYS B 69 -14.55 27.34 8.83
N ASP B 70 -15.89 27.33 8.73
CA ASP B 70 -16.65 28.57 8.81
C ASP B 70 -16.28 29.36 10.05
N ASP B 71 -16.16 28.67 11.21
CA ASP B 71 -15.88 29.37 12.45
C ASP B 71 -14.52 30.07 12.39
N ILE B 72 -13.54 29.42 11.78
CA ILE B 72 -12.22 30.03 11.67
C ILE B 72 -12.29 31.25 10.77
N GLU B 73 -12.89 31.09 9.58
CA GLU B 73 -12.91 32.19 8.61
C GLU B 73 -13.79 33.34 9.09
N ASN B 74 -14.90 33.04 9.77
CA ASN B 74 -15.77 34.13 10.22
C ASN B 74 -15.06 35.03 11.23
N CYS B 75 -14.10 34.48 11.98
CA CYS B 75 -13.39 35.24 12.99
C CYS B 75 -12.24 36.03 12.41
N ILE B 76 -11.88 35.82 11.14
CA ILE B 76 -10.66 36.38 10.60
C ILE B 76 -10.77 37.89 10.48
N ALA B 77 -11.98 38.39 10.19
CA ALA B 77 -12.19 39.83 10.25
C ALA B 77 -11.93 40.37 11.64
N GLN B 78 -12.38 39.64 12.67
CA GLN B 78 -12.14 40.11 14.04
C GLN B 78 -10.68 39.91 14.46
N ASP B 79 -9.99 38.90 13.92
CA ASP B 79 -8.55 38.79 14.16
C ASP B 79 -7.79 39.92 13.47
N ALA B 80 -8.33 40.47 12.37
CA ALA B 80 -7.63 41.45 11.55
C ALA B 80 -7.97 42.87 11.96
N GLY B 85 -1.73 44.96 12.44
CA GLY B 85 -1.77 45.49 11.09
C GLY B 85 -0.89 44.81 10.06
N GLY B 86 -1.52 44.23 9.02
CA GLY B 86 -0.94 43.45 7.95
C GLY B 86 -1.35 41.98 8.03
N SER B 87 -1.33 41.29 6.88
CA SER B 87 -1.88 39.94 6.76
C SER B 87 -1.04 38.85 7.45
N TRP B 88 0.29 38.94 7.36
CA TRP B 88 1.16 38.04 8.11
C TRP B 88 0.94 38.20 9.61
N THR B 89 0.60 39.41 10.06
CA THR B 89 0.14 39.61 11.42
C THR B 89 -1.20 38.93 11.68
N VAL B 90 -2.13 38.98 10.69
CA VAL B 90 -3.42 38.32 10.87
C VAL B 90 -3.24 36.83 11.04
N PHE B 91 -2.38 36.22 10.21
CA PHE B 91 -2.06 34.80 10.32
C PHE B 91 -1.66 34.45 11.75
N ARG B 92 -0.71 35.20 12.32
CA ARG B 92 -0.28 34.98 13.70
C ARG B 92 -1.45 34.95 14.66
N HIS B 93 -2.33 35.95 14.54
CA HIS B 93 -3.52 35.98 15.38
C HIS B 93 -4.40 34.77 15.13
N THR B 94 -4.60 34.40 13.85
CA THR B 94 -5.49 33.29 13.53
C THR B 94 -4.95 31.97 14.07
N LEU B 95 -3.65 31.73 13.90
CA LEU B 95 -3.01 30.58 14.52
C LEU B 95 -3.23 30.57 16.03
N LEU B 96 -2.93 31.68 16.70
CA LEU B 96 -3.12 31.69 18.15
C LEU B 96 -4.57 31.47 18.52
N HIS B 97 -5.50 32.07 17.76
CA HIS B 97 -6.92 31.91 18.08
C HIS B 97 -7.35 30.46 17.87
N PHE B 98 -6.83 29.81 16.82
CA PHE B 98 -7.13 28.40 16.59
C PHE B 98 -6.85 27.55 17.83
N PHE B 99 -5.65 27.67 18.39
CA PHE B 99 -5.28 26.79 19.49
C PHE B 99 -6.03 27.11 20.78
N GLU B 100 -6.41 28.38 20.99
CA GLU B 100 -7.25 28.69 22.13
C GLU B 100 -8.64 28.08 21.97
N ARG B 101 -9.19 28.14 20.75
CA ARG B 101 -10.50 27.56 20.48
C ARG B 101 -10.49 26.05 20.72
N LEU B 102 -9.36 25.39 20.40
CA LEU B 102 -9.25 23.96 20.69
C LEU B 102 -9.47 23.71 22.17
N GLN B 103 -9.01 24.63 23.02
CA GLN B 103 -9.15 24.42 24.45
C GLN B 103 -10.55 24.71 24.94
N SER B 104 -11.17 25.77 24.45
CA SER B 104 -12.32 26.39 25.09
C SER B 104 -13.64 26.17 24.38
N ASN B 105 -13.62 25.63 23.17
CA ASN B 105 -14.83 25.41 22.37
C ASN B 105 -15.00 23.91 22.21
N ASP B 106 -16.09 23.39 22.77
CA ASP B 106 -16.23 21.96 22.87
C ASP B 106 -16.42 21.32 21.50
N ILE B 107 -16.99 22.08 20.56
CA ILE B 107 -17.21 21.56 19.21
C ILE B 107 -15.89 21.40 18.48
N HIS B 108 -15.01 22.39 18.59
CA HIS B 108 -13.71 22.31 17.93
C HIS B 108 -12.80 21.30 18.61
N TYR B 109 -12.91 21.17 19.94
CA TYR B 109 -12.17 20.15 20.67
C TYR B 109 -12.51 18.76 20.16
N LYS B 110 -13.80 18.41 20.20
CA LYS B 110 -14.21 17.06 19.86
C LYS B 110 -13.94 16.77 18.39
N PHE B 111 -14.18 17.75 17.52
CA PHE B 111 -13.98 17.47 16.10
C PHE B 111 -12.53 17.14 15.79
N HIS B 112 -11.59 17.91 16.36
CA HIS B 112 -10.18 17.66 16.07
C HIS B 112 -9.71 16.39 16.77
N ASN B 113 -10.22 16.16 17.98
CA ASN B 113 -10.05 14.87 18.63
C ASN B 113 -10.44 13.71 17.70
N ILE B 114 -11.64 13.81 17.09
CA ILE B 114 -12.11 12.77 16.18
C ILE B 114 -11.18 12.65 14.96
N LEU B 115 -10.85 13.78 14.36
CA LEU B 115 -10.01 13.79 13.16
C LEU B 115 -8.63 13.16 13.39
N PHE B 116 -8.02 13.41 14.55
CA PHE B 116 -6.69 12.89 14.79
C PHE B 116 -6.69 11.50 15.44
N LEU B 117 -7.75 11.14 16.16
CA LEU B 117 -7.71 9.95 17.00
C LEU B 117 -8.82 8.95 16.76
N LYS B 118 -9.90 9.31 16.06
CA LYS B 118 -11.09 8.45 16.01
C LYS B 118 -11.54 8.21 14.59
N CYS B 119 -10.62 8.27 13.66
CA CYS B 119 -10.94 8.20 12.25
C CYS B 119 -9.90 7.30 11.56
N GLU B 120 -9.93 6.01 11.88
CA GLU B 120 -8.88 5.12 11.38
C GLU B 120 -8.96 4.96 9.85
N HIS B 121 -7.79 4.81 9.23
CA HIS B 121 -7.65 4.74 7.77
C HIS B 121 -7.78 3.30 7.29
N THR B 122 -9.00 2.80 7.37
CA THR B 122 -9.40 1.52 6.81
C THR B 122 -10.41 1.77 5.69
N GLU B 123 -10.61 0.74 4.86
CA GLU B 123 -11.54 0.89 3.73
C GLU B 123 -12.92 1.29 4.19
N GLN B 124 -13.31 0.90 5.41
CA GLN B 124 -14.62 1.30 5.91
C GLN B 124 -14.75 2.83 5.97
N ASN B 125 -13.66 3.55 6.22
CA ASN B 125 -13.70 4.99 6.35
C ASN B 125 -13.27 5.71 5.09
N ALA B 126 -13.13 5.01 3.96
CA ALA B 126 -12.51 5.61 2.79
C ALA B 126 -13.22 6.89 2.35
N ALA B 127 -14.55 6.89 2.45
CA ALA B 127 -15.33 8.00 1.91
C ALA B 127 -15.21 9.23 2.80
N VAL B 128 -15.31 9.01 4.11
CA VAL B 128 -15.04 10.05 5.11
C VAL B 128 -13.65 10.65 4.95
N ILE B 129 -12.64 9.79 4.72
CA ILE B 129 -11.26 10.27 4.61
C ILE B 129 -11.10 11.17 3.39
N ALA B 130 -11.74 10.80 2.28
CA ALA B 130 -11.73 11.65 1.09
C ALA B 130 -12.39 12.99 1.35
N ILE B 131 -13.38 13.03 2.24
CA ILE B 131 -13.95 14.32 2.63
C ILE B 131 -12.91 15.13 3.41
N ALA B 132 -12.22 14.49 4.36
CA ALA B 132 -11.18 15.18 5.11
C ALA B 132 -10.16 15.80 4.18
N ARG B 133 -9.67 15.03 3.21
CA ARG B 133 -8.66 15.52 2.27
C ARG B 133 -9.16 16.67 1.42
N LYS B 134 -10.45 16.68 1.03
CA LYS B 134 -10.98 17.84 0.32
C LYS B 134 -10.82 19.11 1.15
N HIS B 135 -11.18 19.05 2.43
CA HIS B 135 -11.05 20.24 3.26
C HIS B 135 -9.59 20.60 3.53
N GLN B 136 -8.72 19.60 3.63
CA GLN B 136 -7.32 19.91 3.90
C GLN B 136 -6.66 20.53 2.68
N ALA B 137 -7.04 20.08 1.48
CA ALA B 137 -6.54 20.71 0.27
C ALA B 137 -6.96 22.17 0.20
N ILE B 138 -8.20 22.47 0.62
CA ILE B 138 -8.61 23.87 0.69
C ILE B 138 -7.72 24.63 1.68
N TRP B 139 -7.41 24.01 2.81
CA TRP B 139 -6.57 24.68 3.80
C TRP B 139 -5.15 24.83 3.30
N ARG B 140 -4.65 23.82 2.57
CA ARG B 140 -3.31 23.93 2.04
C ARG B 140 -3.20 25.14 1.13
N GLU B 141 -4.22 25.37 0.31
CA GLU B 141 -4.19 26.54 -0.57
C GLU B 141 -4.39 27.83 0.20
N LYS B 142 -5.18 27.82 1.29
CA LYS B 142 -5.22 29.00 2.16
C LYS B 142 -3.82 29.40 2.62
N ILE B 143 -2.99 28.41 2.99
CA ILE B 143 -1.65 28.72 3.49
C ILE B 143 -0.79 29.30 2.38
N THR B 144 -0.79 28.65 1.22
CA THR B 144 -0.06 29.18 0.07
C THR B 144 -0.42 30.64 -0.20
N ALA B 145 -1.73 30.95 -0.20
CA ALA B 145 -2.14 32.35 -0.44
C ALA B 145 -1.58 33.29 0.61
N VAL B 146 -1.56 32.85 1.87
CA VAL B 146 -1.00 33.70 2.93
C VAL B 146 0.50 33.87 2.73
N LEU B 147 1.22 32.78 2.41
CA LEU B 147 2.65 32.92 2.13
C LEU B 147 2.89 33.85 0.95
N THR B 148 2.04 33.73 -0.08
CA THR B 148 2.20 34.53 -1.28
C THR B 148 1.96 36.01 -0.98
N GLU B 149 0.88 36.33 -0.25
CA GLU B 149 0.68 37.71 0.15
C GLU B 149 1.81 38.20 1.03
N ALA B 150 2.41 37.31 1.84
CA ALA B 150 3.44 37.74 2.77
C ALA B 150 4.75 38.03 2.06
N VAL B 151 5.12 37.22 1.08
CA VAL B 151 6.27 37.56 0.25
C VAL B 151 6.09 38.93 -0.41
N GLU B 152 4.87 39.21 -0.91
CA GLU B 152 4.64 40.47 -1.61
C GLU B 152 4.78 41.66 -0.68
N ASN B 153 4.31 41.55 0.57
CA ASN B 153 4.50 42.62 1.53
C ASN B 153 5.91 42.65 2.12
N GLN B 154 6.78 41.73 1.70
CA GLN B 154 8.16 41.63 2.21
C GLN B 154 8.22 41.21 3.67
N ASP B 155 7.19 40.50 4.17
CA ASP B 155 7.33 39.85 5.48
C ASP B 155 8.09 38.54 5.38
N LEU B 156 8.09 37.91 4.21
CA LEU B 156 8.92 36.75 3.93
C LEU B 156 9.80 37.07 2.73
N ALA B 157 11.00 36.50 2.71
CA ALA B 157 11.95 36.71 1.63
C ALA B 157 11.41 36.20 0.31
N ASP B 158 11.88 36.80 -0.79
CA ASP B 158 11.39 36.48 -2.12
C ASP B 158 11.79 35.08 -2.57
N ASP B 159 12.90 34.56 -2.04
CA ASP B 159 13.29 33.20 -2.36
C ASP B 159 12.78 32.19 -1.33
N LEU B 160 11.74 32.52 -0.58
CA LEU B 160 11.10 31.53 0.28
C LEU B 160 10.55 30.39 -0.55
N ASP B 161 10.87 29.17 -0.15
CA ASP B 161 10.37 27.99 -0.86
C ASP B 161 8.97 27.68 -0.37
N LYS B 162 7.96 28.11 -1.13
CA LYS B 162 6.59 28.09 -0.62
C LYS B 162 6.06 26.67 -0.48
N GLU B 163 6.40 25.80 -1.43
CA GLU B 163 6.01 24.39 -1.31
C GLU B 163 6.60 23.76 -0.06
N THR B 164 7.88 24.03 0.22
CA THR B 164 8.50 23.52 1.44
C THR B 164 7.88 24.19 2.68
N ALA B 165 7.68 25.50 2.62
CA ALA B 165 7.13 26.18 3.79
C ALA B 165 5.75 25.65 4.15
N VAL B 166 4.96 25.24 3.15
CA VAL B 166 3.63 24.74 3.43
C VAL B 166 3.72 23.40 4.16
N ILE B 167 4.62 22.52 3.74
CA ILE B 167 4.77 21.26 4.46
C ILE B 167 5.23 21.55 5.88
N PHE B 168 6.15 22.50 6.02
CA PHE B 168 6.71 22.84 7.32
C PHE B 168 5.62 23.30 8.27
N ILE B 169 4.74 24.18 7.79
CA ILE B 169 3.66 24.71 8.62
C ILE B 169 2.69 23.60 9.05
N LYS B 170 2.14 22.86 8.08
CA LYS B 170 1.20 21.81 8.43
C LYS B 170 1.86 20.79 9.35
N SER B 171 3.10 20.43 9.06
CA SER B 171 3.85 19.50 9.89
C SER B 171 3.98 19.99 11.32
N THR B 172 4.42 21.25 11.47
CA THR B 172 4.64 21.78 12.80
C THR B 172 3.35 21.84 13.59
N LEU B 173 2.27 22.30 12.96
CA LEU B 173 1.04 22.52 13.72
C LEU B 173 0.30 21.22 13.94
N ASP B 174 0.28 20.33 12.93
CA ASP B 174 -0.29 19.00 13.14
C ASP B 174 0.41 18.28 14.27
N GLY B 175 1.75 18.40 14.32
CA GLY B 175 2.50 17.73 15.38
C GLY B 175 2.06 18.18 16.77
N LEU B 176 1.82 19.49 16.93
CA LEU B 176 1.41 19.97 18.25
C LEU B 176 0.04 19.45 18.62
N ILE B 177 -0.90 19.44 17.66
CA ILE B 177 -2.22 18.90 17.95
C ILE B 177 -2.11 17.42 18.30
N TRP B 178 -1.36 16.68 17.49
CA TRP B 178 -1.22 15.25 17.73
C TRP B 178 -0.60 14.97 19.08
N ARG B 179 0.48 15.68 19.40
CA ARG B 179 1.13 15.52 20.70
C ARG B 179 0.17 15.82 21.83
N TRP B 180 -0.54 16.94 21.75
CA TRP B 180 -1.47 17.32 22.81
C TRP B 180 -2.50 16.23 23.07
N PHE B 181 -3.21 15.80 22.02
CA PHE B 181 -4.22 14.75 22.20
C PHE B 181 -3.57 13.45 22.71
N SER B 182 -2.48 13.03 22.07
CA SER B 182 -1.89 11.72 22.38
C SER B 182 -1.45 11.66 23.83
N SER B 183 -0.77 12.71 24.30
CA SER B 183 -0.43 12.86 25.70
C SER B 183 -1.64 12.87 26.62
N GLY B 184 -2.86 12.95 26.09
CA GLY B 184 -4.02 13.14 26.94
C GLY B 184 -4.11 14.54 27.51
N GLU B 185 -3.75 15.56 26.72
CA GLU B 185 -3.76 16.95 27.15
C GLU B 185 -2.93 17.13 28.41
N SER B 186 -1.76 16.50 28.43
CA SER B 186 -0.95 16.48 29.63
C SER B 186 -0.03 17.69 29.73
N PHE B 187 -0.07 18.60 28.76
CA PHE B 187 0.61 19.87 28.91
C PHE B 187 -0.38 21.00 28.63
N ASP B 188 0.02 22.19 29.05
CA ASP B 188 -0.80 23.41 28.94
C ASP B 188 -0.69 23.95 27.51
N LEU B 189 -1.71 23.68 26.69
CA LEU B 189 -1.68 24.13 25.30
C LEU B 189 -1.63 25.65 25.22
N GLY B 190 -2.26 26.34 26.18
CA GLY B 190 -2.25 27.79 26.20
C GLY B 190 -0.88 28.41 26.37
N LYS B 191 0.02 27.71 27.04
CA LYS B 191 1.39 28.22 27.15
C LYS B 191 2.29 27.70 26.04
N THR B 192 2.01 26.49 25.54
CA THR B 192 2.94 25.85 24.64
C THR B 192 2.76 26.31 23.20
N ALA B 193 1.51 26.39 22.74
CA ALA B 193 1.25 26.78 21.37
C ALA B 193 1.90 28.11 20.98
N PRO B 194 1.80 29.20 21.78
CA PRO B 194 2.51 30.43 21.38
C PRO B 194 4.01 30.25 21.25
N ARG B 195 4.65 29.44 22.09
CA ARG B 195 6.07 29.16 21.90
C ARG B 195 6.31 28.47 20.56
N ILE B 196 5.55 27.41 20.28
CA ILE B 196 5.70 26.67 19.04
C ILE B 196 5.45 27.57 17.84
N ILE B 197 4.33 28.31 17.86
CA ILE B 197 4.03 29.22 16.76
C ILE B 197 5.12 30.26 16.63
N GLY B 198 5.57 30.82 17.75
CA GLY B 198 6.67 31.77 17.71
C GLY B 198 7.88 31.22 16.99
N ILE B 199 8.29 29.99 17.35
CA ILE B 199 9.50 29.44 16.75
C ILE B 199 9.32 29.20 15.27
N ASP B 202 9.32 32.55 13.16
CA ASP B 202 10.71 32.95 13.11
C ASP B 202 11.47 32.15 12.07
N ASN B 203 11.24 30.84 12.02
CA ASN B 203 11.94 30.01 11.03
C ASN B 203 11.48 30.36 9.62
N LEU B 204 10.18 30.57 9.42
CA LEU B 204 9.71 30.94 8.10
C LEU B 204 10.33 32.27 7.67
N GLU B 205 10.42 33.22 8.60
CA GLU B 205 10.99 34.53 8.29
C GLU B 205 12.49 34.46 8.03
N ASN B 206 13.22 33.62 8.77
CA ASN B 206 14.67 33.83 8.85
C ASN B 206 15.53 32.63 8.49
N HIS B 207 15.06 31.40 8.67
CA HIS B 207 15.95 30.26 8.52
C HIS B 207 16.32 30.03 7.05
N PRO B 208 17.59 29.83 6.74
CA PRO B 208 17.98 29.62 5.33
C PRO B 208 17.39 28.36 4.72
N CYS B 209 17.15 27.32 5.50
CA CYS B 209 16.78 26.05 4.89
C CYS B 209 15.34 26.03 4.40
N LEU B 210 14.61 27.12 4.60
CA LEU B 210 13.31 27.31 3.95
C LEU B 210 13.40 28.22 2.73
N ARG B 211 14.60 28.57 2.29
CA ARG B 211 14.82 29.32 1.06
C ARG B 211 15.17 28.36 -0.07
N ARG B 212 14.72 28.70 -1.28
CA ARG B 212 14.98 27.89 -2.47
C ARG B 212 16.45 28.03 -2.90
N LEU C 12 30.81 -29.22 -7.68
CA LEU C 12 29.61 -28.40 -7.87
C LEU C 12 28.94 -28.66 -9.23
N LYS C 13 29.60 -29.46 -10.07
CA LYS C 13 29.01 -29.90 -11.32
C LYS C 13 28.00 -31.03 -11.12
N THR C 14 28.05 -31.71 -9.96
CA THR C 14 27.02 -32.69 -9.63
C THR C 14 25.81 -32.03 -9.00
N LYS C 15 26.03 -31.03 -8.13
CA LYS C 15 24.92 -30.25 -7.62
C LYS C 15 24.16 -29.57 -8.77
N GLU C 16 24.87 -29.26 -9.87
CA GLU C 16 24.21 -28.69 -11.04
C GLU C 16 23.37 -29.74 -11.78
N HIS C 17 23.82 -31.00 -11.79
CA HIS C 17 23.04 -32.05 -12.46
C HIS C 17 21.72 -32.30 -11.75
N LEU C 18 21.72 -32.26 -10.41
CA LEU C 18 20.49 -32.51 -9.66
C LEU C 18 19.51 -31.36 -9.85
N LEU C 20 19.18 -29.41 -12.46
CA LEU C 20 18.56 -29.50 -13.76
C LEU C 20 17.59 -30.68 -13.85
N ALA C 21 17.81 -31.73 -13.05
CA ALA C 21 16.81 -32.80 -12.98
C ALA C 21 15.51 -32.31 -12.34
N ALA C 22 15.60 -31.54 -11.26
CA ALA C 22 14.40 -30.96 -10.67
C ALA C 22 13.69 -30.05 -11.68
N LEU C 23 14.44 -29.23 -12.40
CA LEU C 23 13.84 -28.38 -13.43
C LEU C 23 13.03 -29.22 -14.42
N GLU C 24 13.60 -30.32 -14.94
CA GLU C 24 12.85 -31.13 -15.90
C GLU C 24 11.57 -31.63 -15.28
N THR C 25 11.63 -32.08 -14.03
CA THR C 25 10.47 -32.71 -13.39
C THR C 25 9.42 -31.67 -13.00
N PHE C 26 9.85 -30.53 -12.44
CA PHE C 26 8.93 -29.42 -12.19
C PHE C 26 8.21 -29.02 -13.47
N TYR C 27 8.95 -28.96 -14.58
CA TYR C 27 8.36 -28.57 -15.86
C TYR C 27 7.34 -29.59 -16.32
N ARG C 28 7.63 -30.86 -16.06
CA ARG C 28 6.81 -31.97 -16.53
C ARG C 28 5.57 -32.13 -15.65
N LYS C 29 5.75 -32.20 -14.33
CA LYS C 29 4.67 -32.52 -13.41
C LYS C 29 4.12 -31.31 -12.65
N GLY C 30 4.75 -30.15 -12.74
CA GLY C 30 4.47 -29.08 -11.81
C GLY C 30 5.23 -29.29 -10.51
N ILE C 31 5.29 -28.24 -9.70
CA ILE C 31 6.05 -28.35 -8.45
C ILE C 31 5.30 -29.20 -7.44
N ALA C 32 4.00 -28.97 -7.30
CA ALA C 32 3.25 -29.65 -6.23
C ALA C 32 3.29 -31.17 -6.38
N ARG C 33 3.10 -31.67 -7.60
CA ARG C 33 3.01 -33.10 -7.85
C ARG C 33 4.37 -33.76 -8.03
N THR C 34 5.46 -33.02 -7.89
CA THR C 34 6.79 -33.60 -7.99
C THR C 34 7.23 -34.06 -6.61
N SER C 35 7.72 -35.29 -6.54
CA SER C 35 8.29 -35.86 -5.33
C SER C 35 9.81 -35.94 -5.45
N LEU C 36 10.48 -35.89 -4.30
CA LEU C 36 11.93 -36.09 -4.27
C LEU C 36 12.34 -37.40 -4.92
N ASN C 37 11.50 -38.43 -4.84
CA ASN C 37 11.83 -39.70 -5.47
C ASN C 37 11.92 -39.56 -6.99
N GLU C 38 10.93 -38.92 -7.60
CA GLU C 38 10.98 -38.75 -9.06
C GLU C 38 12.16 -37.87 -9.47
N ILE C 39 12.50 -36.88 -8.64
CA ILE C 39 13.69 -36.06 -8.94
C ILE C 39 14.93 -36.95 -8.95
N ALA C 40 15.16 -37.67 -7.84
CA ALA C 40 16.28 -38.61 -7.78
C ALA C 40 16.27 -39.56 -8.97
N GLN C 41 15.11 -40.17 -9.25
CA GLN C 41 14.99 -41.08 -10.39
C GLN C 41 15.29 -40.36 -11.71
N ALA C 42 14.87 -39.10 -11.85
CA ALA C 42 15.18 -38.36 -13.08
C ALA C 42 16.67 -38.07 -13.19
N ALA C 43 17.33 -37.78 -12.07
CA ALA C 43 18.76 -37.52 -12.08
C ALA C 43 19.60 -38.79 -12.17
N GLY C 44 19.02 -39.96 -11.96
CA GLY C 44 19.82 -41.18 -11.89
C GLY C 44 20.70 -41.29 -10.65
N VAL C 45 20.20 -40.85 -9.50
CA VAL C 45 20.87 -40.96 -8.22
C VAL C 45 19.90 -41.56 -7.21
N THR C 46 20.43 -41.94 -6.05
CA THR C 46 19.59 -42.39 -4.96
C THR C 46 19.01 -41.19 -4.21
N ARG C 47 18.02 -41.46 -3.35
CA ARG C 47 17.49 -40.38 -2.52
C ARG C 47 18.58 -39.82 -1.62
N GLY C 48 19.49 -40.68 -1.15
CA GLY C 48 20.54 -40.20 -0.27
C GLY C 48 21.45 -39.20 -0.94
N ALA C 49 21.88 -39.51 -2.17
CA ALA C 49 22.78 -38.62 -2.89
C ALA C 49 22.10 -37.29 -3.22
N LEU C 50 20.81 -37.31 -3.55
CA LEU C 50 20.08 -36.05 -3.68
C LEU C 50 20.06 -35.31 -2.35
N TYR C 51 19.73 -36.02 -1.26
CA TYR C 51 19.58 -35.36 0.02
C TYR C 51 20.85 -34.63 0.43
N TRP C 52 22.01 -35.25 0.14
CA TRP C 52 23.30 -34.66 0.46
C TRP C 52 23.42 -33.23 -0.07
N HIS C 53 22.91 -32.96 -1.26
CA HIS C 53 23.00 -31.62 -1.84
C HIS C 53 21.76 -30.77 -1.63
N PHE C 54 20.56 -31.35 -1.68
CA PHE C 54 19.34 -30.57 -1.51
C PHE C 54 18.38 -31.34 -0.63
N LYS C 55 18.10 -30.80 0.56
CA LYS C 55 17.20 -31.47 1.50
C LYS C 55 15.82 -31.70 0.91
N ASN C 56 15.21 -30.66 0.34
CA ASN C 56 13.82 -30.77 -0.08
C ASN C 56 13.59 -29.91 -1.32
N LYS C 57 12.34 -29.90 -1.78
CA LYS C 57 11.99 -29.19 -3.01
C LYS C 57 12.33 -27.70 -2.90
N GLU C 58 12.05 -27.09 -1.75
CA GLU C 58 12.37 -25.66 -1.54
C GLU C 58 13.79 -25.33 -1.98
N ASP C 59 14.75 -26.16 -1.55
CA ASP C 59 16.16 -25.86 -1.85
C ASP C 59 16.46 -26.00 -3.32
N LEU C 60 15.84 -26.97 -3.99
CA LEU C 60 16.07 -27.09 -5.41
C LEU C 60 15.47 -25.91 -6.16
N PHE C 61 14.30 -25.46 -5.73
CA PHE C 61 13.69 -24.30 -6.36
C PHE C 61 14.52 -23.04 -6.09
N ASP C 62 14.97 -22.87 -4.85
CA ASP C 62 15.84 -21.74 -4.51
C ASP C 62 17.09 -21.70 -5.39
N ALA C 63 17.75 -22.85 -5.54
CA ALA C 63 18.95 -22.89 -6.38
C ALA C 63 18.63 -22.51 -7.82
N LEU C 64 17.49 -22.96 -8.33
CA LEU C 64 17.11 -22.58 -9.69
C LEU C 64 16.88 -21.07 -9.79
N PHE C 65 16.21 -20.48 -8.80
CA PHE C 65 16.05 -19.03 -8.76
C PHE C 65 17.42 -18.34 -8.77
N GLN C 66 18.32 -18.73 -7.84
CA GLN C 66 19.61 -18.06 -7.76
C GLN C 66 20.37 -18.14 -9.09
N ARG C 67 20.31 -19.29 -9.75
CA ARG C 67 20.97 -19.43 -11.04
C ARG C 67 20.38 -18.45 -12.06
N ILE C 68 19.05 -18.25 -12.04
CA ILE C 68 18.43 -17.27 -12.94
C ILE C 68 18.96 -15.86 -12.65
N CYS C 69 18.91 -15.44 -11.38
CA CYS C 69 19.46 -14.14 -11.01
C CYS C 69 20.95 -14.04 -11.31
N ASP C 70 21.67 -15.17 -11.23
CA ASP C 70 23.10 -15.16 -11.56
C ASP C 70 23.31 -14.75 -13.02
N ASP C 71 22.70 -15.49 -13.94
CA ASP C 71 22.88 -15.22 -15.37
C ASP C 71 22.50 -13.79 -15.73
N ILE C 72 21.44 -13.26 -15.11
CA ILE C 72 21.06 -11.87 -15.36
C ILE C 72 22.14 -10.93 -14.87
N GLU C 73 22.56 -11.09 -13.61
CA GLU C 73 23.58 -10.20 -13.04
C GLU C 73 24.87 -10.25 -13.84
N ASN C 74 25.30 -11.46 -14.22
CA ASN C 74 26.48 -11.63 -15.04
C ASN C 74 26.39 -10.81 -16.33
N CYS C 75 25.36 -11.09 -17.14
CA CYS C 75 25.25 -10.49 -18.47
C CYS C 75 25.14 -8.97 -18.42
N ILE C 76 24.70 -8.41 -17.29
CA ILE C 76 24.75 -6.96 -17.09
C ILE C 76 26.14 -6.41 -17.42
N ALA C 77 27.18 -7.16 -17.10
CA ALA C 77 28.54 -6.78 -17.44
C ALA C 77 28.90 -7.27 -18.84
N GLY C 85 25.75 4.87 -23.25
CA GLY C 85 26.15 4.45 -21.92
C GLY C 85 25.29 5.07 -20.82
N GLY C 86 25.36 4.49 -19.62
CA GLY C 86 24.55 4.94 -18.50
C GLY C 86 23.77 3.78 -17.90
N SER C 87 23.47 3.90 -16.60
CA SER C 87 22.81 2.80 -15.89
C SER C 87 21.37 2.60 -16.37
N TRP C 88 20.65 3.68 -16.65
CA TRP C 88 19.34 3.58 -17.28
C TRP C 88 19.42 2.93 -18.66
N THR C 89 20.53 3.17 -19.38
CA THR C 89 20.72 2.47 -20.64
C THR C 89 20.93 0.98 -20.43
N VAL C 90 21.68 0.60 -19.40
CA VAL C 90 21.94 -0.81 -19.11
C VAL C 90 20.63 -1.51 -18.76
N PHE C 91 19.78 -0.85 -17.98
CA PHE C 91 18.49 -1.41 -17.60
C PHE C 91 17.65 -1.76 -18.82
N ARG C 92 17.54 -0.83 -19.78
CA ARG C 92 16.87 -1.13 -21.04
C ARG C 92 17.48 -2.36 -21.70
N HIS C 93 18.82 -2.44 -21.73
CA HIS C 93 19.46 -3.56 -22.37
C HIS C 93 19.19 -4.85 -21.60
N THR C 94 19.17 -4.76 -20.26
CA THR C 94 18.95 -5.97 -19.48
C THR C 94 17.54 -6.51 -19.68
N LEU C 95 16.54 -5.61 -19.69
CA LEU C 95 15.17 -5.99 -19.99
C LEU C 95 15.05 -6.65 -21.36
N LEU C 96 15.66 -6.05 -22.39
CA LEU C 96 15.58 -6.63 -23.73
C LEU C 96 16.25 -8.00 -23.77
N HIS C 97 17.46 -8.09 -23.21
CA HIS C 97 18.18 -9.35 -23.11
C HIS C 97 17.36 -10.40 -22.38
N PHE C 98 16.63 -9.98 -21.34
CA PHE C 98 15.87 -10.91 -20.52
C PHE C 98 14.77 -11.60 -21.33
N PHE C 99 14.04 -10.85 -22.16
CA PHE C 99 12.99 -11.51 -22.96
C PHE C 99 13.56 -12.33 -24.11
N GLU C 100 14.68 -11.89 -24.71
CA GLU C 100 15.36 -12.74 -25.68
C GLU C 100 15.70 -14.11 -25.05
N ARG C 101 16.16 -14.10 -23.79
CA ARG C 101 16.57 -15.32 -23.11
C ARG C 101 15.39 -16.23 -22.82
N LEU C 102 14.22 -15.64 -22.50
CA LEU C 102 13.01 -16.43 -22.33
C LEU C 102 12.76 -17.34 -23.53
N GLN C 103 13.21 -16.92 -24.72
CA GLN C 103 12.98 -17.66 -25.96
C GLN C 103 14.12 -18.60 -26.31
N SER C 104 15.37 -18.19 -26.09
CA SER C 104 16.51 -18.92 -26.62
C SER C 104 17.24 -19.77 -25.58
N ASN C 105 16.93 -19.61 -24.30
CA ASN C 105 17.62 -20.29 -23.22
C ASN C 105 16.66 -21.26 -22.53
N ASP C 106 16.96 -22.55 -22.64
CA ASP C 106 16.04 -23.58 -22.20
C ASP C 106 15.79 -23.53 -20.68
N ILE C 107 16.83 -23.27 -19.89
CA ILE C 107 16.65 -23.16 -18.44
C ILE C 107 15.75 -21.98 -18.07
N HIS C 108 15.99 -20.82 -18.68
CA HIS C 108 15.18 -19.64 -18.33
C HIS C 108 13.75 -19.79 -18.82
N TYR C 109 13.58 -20.41 -20.00
CA TYR C 109 12.25 -20.70 -20.50
C TYR C 109 11.47 -21.56 -19.52
N LYS C 110 12.05 -22.68 -19.07
CA LYS C 110 11.28 -23.65 -18.29
C LYS C 110 11.07 -23.18 -16.87
N PHE C 111 12.08 -22.53 -16.29
CA PHE C 111 11.90 -21.95 -14.96
C PHE C 111 10.74 -20.96 -14.93
N HIS C 112 10.72 -20.00 -15.85
CA HIS C 112 9.64 -19.01 -15.81
C HIS C 112 8.30 -19.65 -16.12
N ASN C 113 8.31 -20.65 -17.00
CA ASN C 113 7.08 -21.42 -17.24
C ASN C 113 6.59 -22.10 -15.97
N ILE C 114 7.51 -22.64 -15.18
CA ILE C 114 7.11 -23.23 -13.90
C ILE C 114 6.59 -22.15 -12.96
N LEU C 115 7.32 -21.04 -12.87
CA LEU C 115 6.96 -20.04 -11.87
C LEU C 115 5.58 -19.46 -12.15
N PHE C 116 5.25 -19.23 -13.44
CA PHE C 116 4.00 -18.62 -13.83
C PHE C 116 2.85 -19.61 -13.99
N LEU C 117 3.10 -20.85 -14.45
CA LEU C 117 2.05 -21.79 -14.80
C LEU C 117 1.93 -23.02 -13.92
N LYS C 118 3.00 -23.42 -13.19
CA LYS C 118 3.04 -24.75 -12.58
C LYS C 118 3.42 -24.68 -11.12
N CYS C 119 3.02 -23.62 -10.43
CA CYS C 119 3.42 -23.40 -9.08
C CYS C 119 2.21 -22.80 -8.34
N GLU C 120 1.21 -23.65 -8.10
CA GLU C 120 -0.07 -23.17 -7.58
C GLU C 120 0.05 -22.81 -6.10
N HIS C 121 -0.68 -21.77 -5.69
CA HIS C 121 -0.61 -21.26 -4.32
C HIS C 121 -1.53 -22.08 -3.41
N THR C 122 -1.11 -23.32 -3.16
CA THR C 122 -1.77 -24.19 -2.21
C THR C 122 -0.94 -24.31 -0.93
N GLU C 123 -1.47 -25.10 0.01
CA GLU C 123 -0.76 -25.36 1.25
C GLU C 123 0.39 -26.34 1.06
N GLN C 124 0.31 -27.23 0.07
CA GLN C 124 1.44 -28.13 -0.16
C GLN C 124 2.62 -27.39 -0.77
N ASN C 125 2.37 -26.30 -1.48
CA ASN C 125 3.43 -25.48 -2.06
C ASN C 125 3.82 -24.32 -1.18
N ALA C 126 3.41 -24.32 0.10
CA ALA C 126 3.61 -23.14 0.94
C ALA C 126 5.06 -22.68 0.95
N ALA C 127 6.01 -23.62 1.02
CA ALA C 127 7.38 -23.21 1.27
C ALA C 127 8.11 -22.78 0.00
N VAL C 128 7.85 -23.44 -1.14
CA VAL C 128 8.39 -22.92 -2.39
C VAL C 128 7.85 -21.52 -2.66
N ILE C 129 6.60 -21.26 -2.28
CA ILE C 129 6.06 -19.92 -2.50
C ILE C 129 6.75 -18.91 -1.59
N ALA C 130 7.01 -19.29 -0.34
CA ALA C 130 7.81 -18.41 0.53
C ALA C 130 9.15 -18.08 -0.14
N ILE C 131 9.79 -19.08 -0.75
CA ILE C 131 11.03 -18.82 -1.47
C ILE C 131 10.80 -17.87 -2.63
N ALA C 132 9.84 -18.20 -3.49
CA ALA C 132 9.53 -17.31 -4.60
C ALA C 132 9.37 -15.88 -4.09
N ARG C 133 8.58 -15.69 -3.03
CA ARG C 133 8.42 -14.38 -2.43
C ARG C 133 9.76 -13.78 -2.00
N LYS C 134 10.68 -14.61 -1.50
CA LYS C 134 11.99 -14.09 -1.14
C LYS C 134 12.71 -13.51 -2.35
N HIS C 135 12.54 -14.11 -3.52
CA HIS C 135 13.24 -13.57 -4.69
C HIS C 135 12.49 -12.39 -5.31
N GLN C 136 11.15 -12.36 -5.22
CA GLN C 136 10.38 -11.16 -5.54
C GLN C 136 10.93 -9.93 -4.82
N ALA C 137 11.33 -10.10 -3.54
CA ALA C 137 11.80 -8.98 -2.73
C ALA C 137 13.19 -8.51 -3.16
N ILE C 138 14.08 -9.43 -3.51
CA ILE C 138 15.36 -9.01 -4.08
C ILE C 138 15.14 -8.22 -5.36
N TRP C 139 14.35 -8.78 -6.29
CA TRP C 139 14.05 -8.07 -7.53
C TRP C 139 13.47 -6.68 -7.24
N ARG C 140 12.58 -6.57 -6.26
CA ARG C 140 12.01 -5.25 -5.95
C ARG C 140 13.10 -4.30 -5.47
N GLU C 141 14.05 -4.81 -4.68
CA GLU C 141 15.15 -3.97 -4.20
C GLU C 141 16.06 -3.55 -5.35
N LYS C 142 16.40 -4.48 -6.24
CA LYS C 142 17.26 -4.13 -7.36
C LYS C 142 16.59 -3.11 -8.27
N ILE C 143 15.26 -3.20 -8.43
CA ILE C 143 14.56 -2.23 -9.25
C ILE C 143 14.60 -0.84 -8.59
N THR C 144 14.30 -0.78 -7.29
CA THR C 144 14.36 0.52 -6.60
C THR C 144 15.77 1.11 -6.69
N ALA C 145 16.80 0.27 -6.62
CA ALA C 145 18.16 0.77 -6.80
C ALA C 145 18.31 1.45 -8.16
N VAL C 146 17.81 0.80 -9.22
CA VAL C 146 17.97 1.38 -10.55
C VAL C 146 17.23 2.70 -10.65
N LEU C 147 16.02 2.76 -10.09
CA LEU C 147 15.25 3.99 -10.14
C LEU C 147 15.99 5.12 -9.42
N THR C 148 16.56 4.82 -8.24
CA THR C 148 17.33 5.82 -7.52
C THR C 148 18.51 6.32 -8.35
N GLU C 149 19.38 5.41 -8.77
CA GLU C 149 20.47 5.74 -9.69
C GLU C 149 19.99 6.66 -10.80
N ALA C 150 18.80 6.38 -11.32
CA ALA C 150 18.29 7.08 -12.49
C ALA C 150 17.81 8.49 -12.17
N VAL C 151 17.28 8.70 -10.97
CA VAL C 151 16.90 10.05 -10.55
C VAL C 151 18.16 10.92 -10.39
N GLU C 152 19.17 10.40 -9.70
CA GLU C 152 20.40 11.15 -9.49
C GLU C 152 21.04 11.57 -10.80
N ASN C 153 20.94 10.74 -11.83
CA ASN C 153 21.50 11.07 -13.12
C ASN C 153 20.58 11.90 -13.99
N GLN C 154 19.41 12.30 -13.47
CA GLN C 154 18.40 13.10 -14.16
C GLN C 154 17.74 12.33 -15.31
N ASP C 155 17.93 11.01 -15.38
CA ASP C 155 17.20 10.20 -16.35
C ASP C 155 15.70 10.16 -16.02
N LEU C 156 15.35 10.19 -14.74
CA LEU C 156 13.97 10.25 -14.30
C LEU C 156 13.78 11.50 -13.44
N ALA C 157 12.55 12.01 -13.42
CA ALA C 157 12.24 13.26 -12.73
C ALA C 157 12.38 13.12 -11.22
N ASP C 158 12.61 14.27 -10.57
CA ASP C 158 12.79 14.31 -9.12
C ASP C 158 11.57 13.77 -8.39
N ASP C 159 10.38 14.22 -8.78
CA ASP C 159 9.15 13.84 -8.10
C ASP C 159 8.59 12.51 -8.59
N LEU C 160 9.46 11.57 -9.00
CA LEU C 160 8.98 10.26 -9.44
C LEU C 160 8.46 9.46 -8.25
N ASP C 161 7.20 9.06 -8.31
CA ASP C 161 6.58 8.25 -7.26
C ASP C 161 7.21 6.86 -7.33
N LYS C 162 8.37 6.73 -6.69
CA LYS C 162 9.24 5.59 -6.93
C LYS C 162 8.56 4.28 -6.58
N GLU C 163 7.75 4.28 -5.51
CA GLU C 163 7.07 3.03 -5.13
C GLU C 163 5.97 2.68 -6.12
N THR C 164 5.28 3.68 -6.66
CA THR C 164 4.34 3.38 -7.75
C THR C 164 5.09 2.90 -8.98
N ALA C 165 6.30 3.42 -9.21
CA ALA C 165 7.05 3.02 -10.39
C ALA C 165 7.48 1.56 -10.33
N VAL C 166 7.83 1.06 -9.13
CA VAL C 166 8.25 -0.33 -9.00
C VAL C 166 7.08 -1.27 -9.27
N ILE C 167 5.90 -0.96 -8.72
CA ILE C 167 4.73 -1.78 -9.03
C ILE C 167 4.45 -1.73 -10.52
N PHE C 168 4.62 -0.57 -11.14
CA PHE C 168 4.35 -0.39 -12.55
C PHE C 168 5.28 -1.25 -13.39
N ILE C 169 6.55 -1.30 -13.04
CA ILE C 169 7.52 -2.08 -13.81
C ILE C 169 7.23 -3.58 -13.67
N LYS C 170 7.10 -4.06 -12.43
CA LYS C 170 6.90 -5.49 -12.25
C LYS C 170 5.62 -5.96 -12.94
N SER C 171 4.57 -5.16 -12.87
CA SER C 171 3.31 -5.64 -13.39
C SER C 171 3.23 -5.52 -14.91
N THR C 172 3.93 -4.55 -15.50
CA THR C 172 4.08 -4.48 -16.94
C THR C 172 4.80 -5.71 -17.46
N LEU C 173 5.92 -6.07 -16.84
CA LEU C 173 6.74 -7.17 -17.35
C LEU C 173 6.20 -8.53 -16.94
N ASP C 174 5.65 -8.65 -15.73
CA ASP C 174 4.97 -9.90 -15.40
C ASP C 174 3.77 -10.13 -16.31
N GLY C 175 3.08 -9.05 -16.70
CA GLY C 175 1.94 -9.20 -17.56
C GLY C 175 2.32 -9.69 -18.94
N LEU C 176 3.47 -9.21 -19.45
CA LEU C 176 3.95 -9.73 -20.72
C LEU C 176 4.26 -11.22 -20.59
N ILE C 177 4.93 -11.61 -19.51
CA ILE C 177 5.31 -13.01 -19.35
C ILE C 177 4.06 -13.86 -19.18
N TRP C 178 3.18 -13.46 -18.26
CA TRP C 178 1.98 -14.23 -18.00
C TRP C 178 1.17 -14.39 -19.28
N ARG C 179 1.00 -13.29 -20.01
CA ARG C 179 0.22 -13.34 -21.24
C ARG C 179 0.86 -14.27 -22.26
N TRP C 180 2.19 -14.24 -22.38
CA TRP C 180 2.85 -15.06 -23.39
C TRP C 180 2.74 -16.55 -23.04
N PHE C 181 3.09 -16.92 -21.80
CA PHE C 181 2.97 -18.32 -21.38
C PHE C 181 1.52 -18.79 -21.38
N SER C 182 0.62 -17.99 -20.80
CA SER C 182 -0.74 -18.48 -20.60
C SER C 182 -1.49 -18.56 -21.93
N SER C 183 -1.16 -17.71 -22.89
CA SER C 183 -1.75 -17.81 -24.22
C SER C 183 -1.21 -18.97 -25.03
N GLY C 184 -0.27 -19.75 -24.48
CA GLY C 184 0.37 -20.75 -25.30
C GLY C 184 1.32 -20.16 -26.31
N GLU C 185 1.98 -19.07 -25.94
CA GLU C 185 2.98 -18.42 -26.80
C GLU C 185 2.41 -18.10 -28.17
N SER C 186 1.19 -17.59 -28.18
CA SER C 186 0.53 -17.34 -29.47
C SER C 186 0.93 -16.00 -30.10
N PHE C 187 1.91 -15.27 -29.57
CA PHE C 187 2.39 -14.08 -30.27
C PHE C 187 3.93 -14.06 -30.24
N ASP C 188 4.50 -13.29 -31.16
CA ASP C 188 5.95 -13.19 -31.34
C ASP C 188 6.53 -12.34 -30.21
N LEU C 189 7.12 -13.00 -29.21
CA LEU C 189 7.73 -12.28 -28.10
C LEU C 189 8.90 -11.41 -28.56
N GLY C 190 9.63 -11.84 -29.60
CA GLY C 190 10.74 -11.04 -30.08
C GLY C 190 10.32 -9.69 -30.65
N LYS C 191 9.09 -9.60 -31.18
CA LYS C 191 8.59 -8.33 -31.70
C LYS C 191 7.77 -7.58 -30.67
N THR C 192 7.13 -8.29 -29.75
CA THR C 192 6.24 -7.66 -28.81
C THR C 192 6.99 -7.02 -27.65
N ALA C 193 7.95 -7.74 -27.04
CA ALA C 193 8.61 -7.22 -25.85
C ALA C 193 9.27 -5.86 -26.06
N PRO C 194 10.02 -5.60 -27.14
CA PRO C 194 10.57 -4.25 -27.31
C PRO C 194 9.52 -3.16 -27.33
N ARG C 195 8.37 -3.44 -27.91
CA ARG C 195 7.30 -2.45 -27.93
C ARG C 195 6.76 -2.21 -26.54
N ILE C 196 6.47 -3.27 -25.80
CA ILE C 196 5.99 -3.11 -24.43
C ILE C 196 7.01 -2.35 -23.58
N ILE C 197 8.29 -2.78 -23.63
CA ILE C 197 9.35 -2.12 -22.87
C ILE C 197 9.51 -0.67 -23.32
N GLY C 198 9.53 -0.45 -24.64
CA GLY C 198 9.64 0.91 -25.14
C GLY C 198 8.59 1.81 -24.53
N ILE C 199 7.34 1.34 -24.50
CA ILE C 199 6.24 2.16 -23.99
C ILE C 199 6.42 2.39 -22.50
N ASP C 202 9.12 4.98 -21.80
CA ASP C 202 8.54 6.29 -22.08
C ASP C 202 7.64 6.76 -20.93
N ASN C 203 6.74 5.87 -20.47
CA ASN C 203 5.85 6.24 -19.37
C ASN C 203 6.64 6.64 -18.13
N LEU C 204 7.67 5.85 -17.79
CA LEU C 204 8.47 6.15 -16.61
C LEU C 204 9.11 7.53 -16.73
N GLU C 205 9.66 7.86 -17.91
CA GLU C 205 10.36 9.11 -18.10
C GLU C 205 9.43 10.31 -18.18
N ASN C 206 8.17 10.11 -18.61
CA ASN C 206 7.33 11.23 -19.03
C ASN C 206 5.92 11.24 -18.46
N HIS C 207 5.36 10.14 -18.02
CA HIS C 207 3.94 10.23 -17.70
C HIS C 207 3.72 10.84 -16.32
N PRO C 208 2.81 11.83 -16.18
CA PRO C 208 2.62 12.48 -14.88
C PRO C 208 1.94 11.61 -13.83
N CYS C 209 1.09 10.66 -14.24
CA CYS C 209 0.49 9.75 -13.26
C CYS C 209 1.51 8.91 -12.50
N LEU C 210 2.78 8.92 -12.89
CA LEU C 210 3.82 8.17 -12.20
C LEU C 210 4.67 9.06 -11.30
N ARG C 211 4.32 10.34 -11.19
CA ARG C 211 4.91 11.27 -10.25
C ARG C 211 3.99 11.42 -9.03
N ARG C 212 4.45 12.22 -8.06
CA ARG C 212 3.89 12.21 -6.71
C ARG C 212 2.66 13.10 -6.55
N LYS C 213 2.79 14.38 -6.87
CA LYS C 213 1.74 15.34 -6.52
C LYS C 213 0.66 15.39 -7.58
N LYS D 13 -31.99 -21.17 -7.59
CA LYS D 13 -31.77 -22.30 -8.49
C LYS D 13 -30.66 -23.19 -7.92
N THR D 14 -30.91 -24.50 -7.85
CA THR D 14 -29.96 -25.44 -7.28
C THR D 14 -28.64 -25.48 -8.04
N LYS D 15 -28.67 -25.15 -9.34
CA LYS D 15 -27.41 -25.09 -10.09
C LYS D 15 -26.45 -24.09 -9.45
N GLU D 16 -26.97 -22.97 -8.94
CA GLU D 16 -26.10 -21.94 -8.39
C GLU D 16 -25.50 -22.38 -7.07
N HIS D 17 -26.25 -23.12 -6.25
CA HIS D 17 -25.68 -23.71 -5.05
C HIS D 17 -24.51 -24.63 -5.39
N LEU D 18 -24.67 -25.49 -6.41
CA LEU D 18 -23.59 -26.38 -6.83
C LEU D 18 -22.41 -25.59 -7.40
N LEU D 20 -21.51 -22.44 -6.64
CA LEU D 20 -20.73 -21.80 -5.58
C LEU D 20 -20.05 -22.83 -4.69
N ALA D 21 -20.64 -24.02 -4.55
CA ALA D 21 -19.94 -25.11 -3.88
C ALA D 21 -18.61 -25.40 -4.57
N ALA D 22 -18.63 -25.50 -5.90
CA ALA D 22 -17.38 -25.69 -6.64
C ALA D 22 -16.43 -24.51 -6.45
N LEU D 23 -16.95 -23.27 -6.51
CA LEU D 23 -16.07 -22.11 -6.39
C LEU D 23 -15.32 -22.12 -5.06
N GLU D 24 -16.03 -22.43 -3.96
CA GLU D 24 -15.39 -22.54 -2.66
C GLU D 24 -14.33 -23.64 -2.64
N THR D 25 -14.68 -24.82 -3.17
CA THR D 25 -13.74 -25.95 -3.13
C THR D 25 -12.52 -25.66 -4.00
N PHE D 26 -12.73 -25.17 -5.22
CA PHE D 26 -11.62 -24.72 -6.05
C PHE D 26 -10.72 -23.74 -5.29
N TYR D 27 -11.33 -22.78 -4.59
CA TYR D 27 -10.58 -21.77 -3.87
C TYR D 27 -9.75 -22.37 -2.74
N ARG D 28 -10.32 -23.31 -1.97
CA ARG D 28 -9.57 -23.93 -0.88
C ARG D 28 -8.46 -24.83 -1.41
N LYS D 29 -8.77 -25.72 -2.37
CA LYS D 29 -7.82 -26.76 -2.76
C LYS D 29 -7.16 -26.55 -4.11
N GLY D 30 -7.60 -25.57 -4.91
CA GLY D 30 -7.18 -25.49 -6.30
C GLY D 30 -7.96 -26.45 -7.18
N ILE D 31 -7.87 -26.23 -8.50
CA ILE D 31 -8.75 -26.94 -9.40
C ILE D 31 -8.32 -28.40 -9.54
N ALA D 32 -7.02 -28.65 -9.73
CA ALA D 32 -6.55 -29.98 -10.06
C ALA D 32 -6.81 -30.97 -8.92
N ARG D 33 -6.59 -30.56 -7.68
CA ARG D 33 -6.74 -31.46 -6.54
C ARG D 33 -8.17 -31.54 -6.04
N THR D 34 -9.13 -30.89 -6.71
CA THR D 34 -10.52 -30.93 -6.29
C THR D 34 -11.24 -32.07 -7.00
N SER D 35 -12.04 -32.82 -6.25
CA SER D 35 -12.81 -33.93 -6.81
C SER D 35 -14.29 -33.57 -6.85
N LEU D 36 -14.99 -34.19 -7.80
CA LEU D 36 -16.45 -34.08 -7.88
C LEU D 36 -17.10 -34.47 -6.55
N ASN D 37 -16.60 -35.56 -5.95
CA ASN D 37 -17.01 -35.95 -4.61
C ASN D 37 -17.06 -34.76 -3.66
N GLU D 38 -15.91 -34.08 -3.52
CA GLU D 38 -15.81 -32.98 -2.55
C GLU D 38 -16.79 -31.87 -2.87
N ILE D 39 -16.95 -31.52 -4.15
CA ILE D 39 -17.91 -30.50 -4.51
C ILE D 39 -19.31 -30.92 -4.10
N ALA D 40 -19.66 -32.20 -4.31
CA ALA D 40 -20.95 -32.68 -3.85
C ALA D 40 -21.11 -32.52 -2.34
N GLN D 41 -20.12 -32.97 -1.57
CA GLN D 41 -20.17 -32.79 -0.11
C GLN D 41 -20.35 -31.32 0.27
N ALA D 42 -19.45 -30.47 -0.22
CA ALA D 42 -19.54 -29.04 0.09
C ALA D 42 -20.93 -28.49 -0.17
N ALA D 43 -21.58 -28.99 -1.22
CA ALA D 43 -22.92 -28.58 -1.59
C ALA D 43 -24.01 -29.31 -0.82
N GLY D 44 -23.68 -30.42 -0.18
CA GLY D 44 -24.70 -31.19 0.52
C GLY D 44 -25.66 -31.95 -0.38
N VAL D 45 -25.17 -32.47 -1.50
CA VAL D 45 -25.99 -33.25 -2.42
C VAL D 45 -25.24 -34.55 -2.74
N THR D 46 -25.95 -35.47 -3.37
CA THR D 46 -25.31 -36.70 -3.80
C THR D 46 -24.49 -36.47 -5.06
N ARG D 47 -23.52 -37.38 -5.29
CA ARG D 47 -22.81 -37.43 -6.55
C ARG D 47 -23.75 -37.42 -7.74
N GLY D 48 -24.86 -38.17 -7.65
CA GLY D 48 -25.79 -38.24 -8.76
C GLY D 48 -26.55 -36.94 -8.98
N ALA D 49 -27.00 -36.29 -7.91
CA ALA D 49 -27.68 -35.01 -8.08
C ALA D 49 -26.76 -33.97 -8.71
N LEU D 50 -25.50 -33.92 -8.28
CA LEU D 50 -24.53 -33.04 -8.94
C LEU D 50 -24.38 -33.41 -10.42
N TYR D 51 -24.13 -34.71 -10.69
CA TYR D 51 -23.87 -35.15 -12.05
C TYR D 51 -25.03 -34.81 -12.99
N TRP D 52 -26.26 -34.78 -12.47
CA TRP D 52 -27.40 -34.36 -13.28
C TRP D 52 -27.17 -32.95 -13.85
N HIS D 53 -26.72 -32.03 -13.03
CA HIS D 53 -26.59 -30.64 -13.45
C HIS D 53 -25.25 -30.32 -14.07
N PHE D 54 -24.20 -31.05 -13.70
CA PHE D 54 -22.84 -30.76 -14.15
C PHE D 54 -22.12 -32.08 -14.31
N LYS D 55 -21.76 -32.44 -15.54
CA LYS D 55 -21.15 -33.76 -15.73
C LYS D 55 -19.70 -33.83 -15.26
N ASN D 56 -18.97 -32.70 -15.15
CA ASN D 56 -17.58 -32.78 -14.73
C ASN D 56 -17.12 -31.43 -14.20
N LYS D 57 -15.89 -31.41 -13.68
CA LYS D 57 -15.31 -30.19 -13.13
C LYS D 57 -15.22 -29.11 -14.20
N GLU D 58 -14.93 -29.52 -15.43
CA GLU D 58 -14.78 -28.57 -16.53
C GLU D 58 -16.03 -27.71 -16.72
N ASP D 59 -17.23 -28.32 -16.61
CA ASP D 59 -18.44 -27.55 -16.83
C ASP D 59 -18.78 -26.65 -15.65
N LEU D 60 -18.43 -27.07 -14.43
CA LEU D 60 -18.55 -26.17 -13.28
C LEU D 60 -17.67 -24.95 -13.48
N PHE D 61 -16.41 -25.17 -13.85
CA PHE D 61 -15.52 -24.05 -14.11
C PHE D 61 -16.05 -23.17 -15.23
N ASP D 62 -16.51 -23.80 -16.32
CA ASP D 62 -17.07 -23.06 -17.43
C ASP D 62 -18.24 -22.17 -16.98
N ALA D 63 -19.14 -22.73 -16.18
CA ALA D 63 -20.28 -21.96 -15.69
C ALA D 63 -19.83 -20.78 -14.86
N LEU D 64 -18.79 -20.97 -14.03
CA LEU D 64 -18.30 -19.86 -13.23
C LEU D 64 -17.73 -18.75 -14.10
N PHE D 65 -16.89 -19.11 -15.08
CA PHE D 65 -16.39 -18.10 -16.00
C PHE D 65 -17.55 -17.33 -16.63
N GLN D 66 -18.62 -18.05 -16.98
CA GLN D 66 -19.80 -17.45 -17.59
C GLN D 66 -20.47 -16.47 -16.63
N ARG D 67 -20.66 -16.88 -15.38
CA ARG D 67 -21.29 -15.98 -14.42
C ARG D 67 -20.46 -14.72 -14.25
N ILE D 68 -19.13 -14.86 -14.28
CA ILE D 68 -18.23 -13.70 -14.25
C ILE D 68 -18.43 -12.84 -15.49
N CYS D 69 -18.39 -13.46 -16.68
CA CYS D 69 -18.49 -12.69 -17.91
C CYS D 69 -19.84 -12.01 -18.02
N ASP D 70 -20.90 -12.64 -17.50
CA ASP D 70 -22.23 -12.04 -17.52
C ASP D 70 -22.35 -10.89 -16.53
N ASP D 71 -21.63 -10.94 -15.40
CA ASP D 71 -21.68 -9.83 -14.45
C ASP D 71 -21.07 -8.56 -15.05
N ILE D 72 -19.93 -8.70 -15.73
CA ILE D 72 -19.30 -7.53 -16.36
C ILE D 72 -20.23 -6.93 -17.40
N GLU D 73 -20.91 -7.77 -18.18
CA GLU D 73 -21.89 -7.28 -19.14
C GLU D 73 -23.10 -6.64 -18.46
N ASN D 74 -23.56 -7.20 -17.35
CA ASN D 74 -24.77 -6.73 -16.69
C ASN D 74 -24.60 -5.41 -15.97
N CYS D 75 -23.41 -4.79 -16.06
CA CYS D 75 -23.13 -3.57 -15.33
C CYS D 75 -22.91 -2.37 -16.26
N ILE D 76 -23.09 -2.57 -17.55
CA ILE D 76 -22.88 -1.53 -18.55
C ILE D 76 -24.14 -0.73 -18.84
N GLY D 85 -18.84 10.64 -21.98
CA GLY D 85 -18.68 10.57 -23.42
C GLY D 85 -19.27 9.31 -24.04
N GLY D 86 -18.66 8.84 -25.14
CA GLY D 86 -19.10 7.64 -25.82
C GLY D 86 -18.52 6.36 -25.25
N SER D 87 -18.53 5.31 -26.08
CA SER D 87 -18.22 3.96 -25.61
C SER D 87 -16.77 3.78 -25.20
N TRP D 88 -15.83 4.56 -25.75
CA TRP D 88 -14.46 4.51 -25.26
C TRP D 88 -14.36 5.04 -23.84
N THR D 89 -15.22 6.00 -23.48
CA THR D 89 -15.32 6.42 -22.08
C THR D 89 -15.99 5.35 -21.23
N VAL D 90 -17.01 4.69 -21.78
CA VAL D 90 -17.64 3.56 -21.09
C VAL D 90 -16.61 2.47 -20.78
N PHE D 91 -15.75 2.14 -21.75
CA PHE D 91 -14.74 1.11 -21.53
C PHE D 91 -13.88 1.47 -20.32
N ARG D 92 -13.48 2.73 -20.20
CA ARG D 92 -12.74 3.19 -19.02
C ARG D 92 -13.50 2.88 -17.74
N HIS D 93 -14.79 3.22 -17.71
CA HIS D 93 -15.58 2.96 -16.50
C HIS D 93 -15.72 1.47 -16.25
N THR D 94 -15.97 0.68 -17.30
CA THR D 94 -16.04 -0.76 -17.08
C THR D 94 -14.75 -1.30 -16.48
N LEU D 95 -13.59 -0.77 -16.90
CA LEU D 95 -12.32 -1.28 -16.39
C LEU D 95 -12.13 -0.93 -14.93
N LEU D 96 -12.42 0.33 -14.55
CA LEU D 96 -12.36 0.70 -13.14
C LEU D 96 -13.31 -0.17 -12.31
N HIS D 97 -14.50 -0.42 -12.84
CA HIS D 97 -15.50 -1.20 -12.14
C HIS D 97 -15.01 -2.64 -11.94
N PHE D 98 -14.35 -3.21 -12.96
CA PHE D 98 -13.79 -4.56 -12.85
C PHE D 98 -12.83 -4.69 -11.67
N PHE D 99 -11.90 -3.72 -11.53
CA PHE D 99 -10.91 -3.83 -10.47
C PHE D 99 -11.50 -3.51 -9.09
N GLU D 100 -12.55 -2.69 -9.06
CA GLU D 100 -13.28 -2.47 -7.81
C GLU D 100 -14.02 -3.75 -7.41
N ARG D 101 -14.75 -4.34 -8.35
CA ARG D 101 -15.43 -5.60 -8.09
C ARG D 101 -14.47 -6.69 -7.64
N LEU D 102 -13.22 -6.63 -8.11
CA LEU D 102 -12.23 -7.63 -7.73
C LEU D 102 -11.92 -7.56 -6.24
N GLN D 103 -12.07 -6.40 -5.62
CA GLN D 103 -11.78 -6.27 -4.21
C GLN D 103 -13.01 -6.38 -3.31
N SER D 104 -14.20 -6.12 -3.84
CA SER D 104 -15.40 -5.98 -3.03
C SER D 104 -16.42 -7.08 -3.25
N ASN D 105 -16.28 -7.87 -4.31
CA ASN D 105 -17.20 -8.95 -4.63
C ASN D 105 -16.48 -10.27 -4.38
N ASP D 106 -17.06 -11.11 -3.52
CA ASP D 106 -16.42 -12.35 -3.09
C ASP D 106 -16.24 -13.34 -4.23
N ILE D 107 -17.26 -13.47 -5.09
CA ILE D 107 -17.20 -14.42 -6.20
C ILE D 107 -16.11 -14.01 -7.19
N HIS D 108 -16.06 -12.72 -7.56
CA HIS D 108 -15.05 -12.25 -8.51
C HIS D 108 -13.66 -12.33 -7.93
N TYR D 109 -13.50 -12.01 -6.64
CA TYR D 109 -12.20 -12.18 -6.01
C TYR D 109 -11.76 -13.64 -6.09
N LYS D 110 -12.60 -14.56 -5.63
CA LYS D 110 -12.22 -15.97 -5.56
C LYS D 110 -11.99 -16.56 -6.95
N PHE D 111 -12.86 -16.25 -7.91
CA PHE D 111 -12.69 -16.77 -9.26
C PHE D 111 -11.35 -16.34 -9.88
N HIS D 112 -11.01 -15.05 -9.77
CA HIS D 112 -9.76 -14.64 -10.40
C HIS D 112 -8.56 -15.15 -9.61
N ASN D 113 -8.72 -15.30 -8.29
CA ASN D 113 -7.69 -15.95 -7.49
C ASN D 113 -7.40 -17.35 -8.03
N ILE D 114 -8.45 -18.14 -8.27
CA ILE D 114 -8.28 -19.50 -8.78
C ILE D 114 -7.63 -19.48 -10.16
N LEU D 115 -8.17 -18.66 -11.06
CA LEU D 115 -7.63 -18.57 -12.42
C LEU D 115 -6.16 -18.20 -12.44
N PHE D 116 -5.73 -17.27 -11.60
CA PHE D 116 -4.34 -16.79 -11.65
C PHE D 116 -3.40 -17.58 -10.75
N LEU D 117 -3.90 -18.18 -9.66
CA LEU D 117 -3.03 -18.79 -8.68
C LEU D 117 -3.22 -20.28 -8.48
N LYS D 118 -4.37 -20.86 -8.86
CA LYS D 118 -4.68 -22.24 -8.50
C LYS D 118 -5.17 -23.04 -9.70
N CYS D 119 -4.59 -22.81 -10.87
CA CYS D 119 -4.99 -23.45 -12.11
C CYS D 119 -3.74 -23.83 -12.90
N GLU D 120 -2.96 -24.76 -12.35
CA GLU D 120 -1.66 -25.07 -12.93
C GLU D 120 -1.82 -25.74 -14.29
N HIS D 121 -0.91 -25.41 -15.21
CA HIS D 121 -0.94 -25.95 -16.57
C HIS D 121 -0.25 -27.31 -16.59
N THR D 122 -0.89 -28.29 -15.95
CA THR D 122 -0.52 -29.70 -16.04
C THR D 122 -1.55 -30.47 -16.87
N GLU D 123 -1.13 -31.66 -17.33
CA GLU D 123 -1.99 -32.50 -18.18
C GLU D 123 -3.31 -32.85 -17.50
N GLN D 124 -3.31 -33.03 -16.18
CA GLN D 124 -4.54 -33.22 -15.43
C GLN D 124 -5.53 -32.08 -15.71
N ASN D 125 -5.02 -30.85 -15.87
CA ASN D 125 -5.89 -29.70 -16.04
C ASN D 125 -6.07 -29.29 -17.48
N ALA D 126 -5.61 -30.10 -18.46
CA ALA D 126 -5.61 -29.64 -19.84
C ALA D 126 -6.99 -29.18 -20.29
N ALA D 127 -8.03 -29.87 -19.83
CA ALA D 127 -9.39 -29.58 -20.31
C ALA D 127 -9.91 -28.28 -19.71
N VAL D 128 -9.58 -28.03 -18.42
CA VAL D 128 -9.89 -26.77 -17.77
C VAL D 128 -9.19 -25.61 -18.47
N ILE D 129 -7.92 -25.79 -18.84
CA ILE D 129 -7.20 -24.71 -19.50
C ILE D 129 -7.81 -24.39 -20.86
N ALA D 130 -8.26 -25.43 -21.57
CA ALA D 130 -8.97 -25.20 -22.84
C ALA D 130 -10.22 -24.37 -22.63
N ILE D 131 -11.02 -24.72 -21.62
CA ILE D 131 -12.17 -23.90 -21.25
C ILE D 131 -11.75 -22.45 -21.05
N ALA D 132 -10.63 -22.24 -20.33
CA ALA D 132 -10.20 -20.89 -19.98
C ALA D 132 -9.74 -20.15 -21.23
N ARG D 133 -9.01 -20.82 -22.10
CA ARG D 133 -8.64 -20.20 -23.37
C ARG D 133 -9.87 -19.83 -24.19
N LYS D 134 -10.93 -20.63 -24.13
CA LYS D 134 -12.14 -20.29 -24.86
C LYS D 134 -12.71 -18.93 -24.41
N HIS D 135 -12.70 -18.66 -23.10
CA HIS D 135 -13.23 -17.37 -22.65
C HIS D 135 -12.26 -16.22 -22.94
N GLN D 136 -10.95 -16.48 -22.83
CA GLN D 136 -9.96 -15.51 -23.26
C GLN D 136 -10.21 -15.06 -24.69
N ALA D 137 -10.60 -15.99 -25.56
CA ALA D 137 -10.83 -15.62 -26.95
C ALA D 137 -12.06 -14.75 -27.08
N ILE D 138 -13.06 -14.95 -26.19
CA ILE D 138 -14.20 -14.04 -26.18
C ILE D 138 -13.77 -12.65 -25.71
N TRP D 139 -13.04 -12.57 -24.58
CA TRP D 139 -12.49 -11.28 -24.13
C TRP D 139 -11.75 -10.57 -25.25
N ARG D 140 -11.01 -11.32 -26.06
CA ARG D 140 -10.21 -10.71 -27.11
C ARG D 140 -11.10 -10.09 -28.18
N GLU D 141 -12.13 -10.81 -28.63
CA GLU D 141 -13.05 -10.24 -29.61
C GLU D 141 -13.76 -9.02 -29.04
N LYS D 142 -14.20 -9.11 -27.78
CA LYS D 142 -14.85 -7.95 -27.15
C LYS D 142 -13.92 -6.75 -27.16
N ILE D 143 -12.64 -6.95 -26.84
CA ILE D 143 -11.72 -5.83 -26.81
C ILE D 143 -11.54 -5.25 -28.21
N THR D 144 -11.31 -6.11 -29.19
CA THR D 144 -11.22 -5.67 -30.58
C THR D 144 -12.45 -4.87 -30.99
N ALA D 145 -13.65 -5.27 -30.52
CA ALA D 145 -14.85 -4.51 -30.86
C ALA D 145 -14.84 -3.13 -30.21
N VAL D 146 -14.46 -3.05 -28.93
CA VAL D 146 -14.35 -1.74 -28.30
C VAL D 146 -13.38 -0.87 -29.08
N LEU D 147 -12.27 -1.46 -29.52
CA LEU D 147 -11.29 -0.68 -30.25
C LEU D 147 -11.84 -0.21 -31.59
N THR D 148 -12.62 -1.06 -32.27
CA THR D 148 -13.17 -0.66 -33.57
C THR D 148 -14.16 0.50 -33.42
N GLU D 149 -15.05 0.47 -32.42
CA GLU D 149 -15.93 1.62 -32.21
C GLU D 149 -15.14 2.89 -31.92
N ALA D 150 -14.06 2.79 -31.13
CA ALA D 150 -13.31 4.00 -30.76
C ALA D 150 -12.61 4.61 -31.96
N VAL D 151 -12.07 3.78 -32.86
CA VAL D 151 -11.57 4.28 -34.14
C VAL D 151 -12.67 5.04 -34.87
N GLU D 152 -13.79 4.37 -35.18
CA GLU D 152 -14.85 5.02 -35.96
C GLU D 152 -15.38 6.27 -35.25
N ASN D 153 -15.49 6.24 -33.92
CA ASN D 153 -15.83 7.48 -33.24
C ASN D 153 -14.68 8.49 -33.22
N GLN D 154 -13.49 8.14 -33.75
CA GLN D 154 -12.33 9.02 -33.76
C GLN D 154 -11.87 9.34 -32.35
N ASP D 155 -12.13 8.42 -31.42
CA ASP D 155 -11.45 8.45 -30.12
C ASP D 155 -10.07 7.82 -30.19
N LEU D 156 -9.83 6.99 -31.20
CA LEU D 156 -8.53 6.38 -31.41
C LEU D 156 -8.16 6.64 -32.85
N ALA D 157 -6.88 6.91 -33.09
CA ALA D 157 -6.45 7.21 -34.44
C ALA D 157 -6.81 6.11 -35.42
N ASP D 158 -7.13 6.50 -36.65
CA ASP D 158 -7.41 5.54 -37.70
C ASP D 158 -6.28 4.54 -37.90
N ASP D 159 -5.09 4.94 -37.48
CA ASP D 159 -3.83 4.25 -37.66
C ASP D 159 -3.52 3.26 -36.55
N LEU D 160 -4.42 3.11 -35.58
CA LEU D 160 -4.13 2.22 -34.45
C LEU D 160 -3.86 0.82 -34.94
N ASP D 161 -2.78 0.23 -34.43
CA ASP D 161 -2.42 -1.17 -34.63
C ASP D 161 -3.27 -2.02 -33.69
N LYS D 162 -4.43 -2.46 -34.19
CA LYS D 162 -5.41 -3.12 -33.33
C LYS D 162 -4.87 -4.44 -32.78
N GLU D 163 -4.19 -5.23 -33.61
CA GLU D 163 -3.62 -6.51 -33.16
C GLU D 163 -2.69 -6.31 -31.99
N THR D 164 -1.76 -5.36 -32.09
CA THR D 164 -0.85 -5.12 -30.98
C THR D 164 -1.60 -4.55 -29.78
N ALA D 165 -2.60 -3.70 -30.04
CA ALA D 165 -3.29 -3.01 -28.97
C ALA D 165 -4.00 -3.99 -28.06
N VAL D 166 -4.61 -5.01 -28.66
CA VAL D 166 -5.28 -6.06 -27.90
C VAL D 166 -4.28 -6.76 -26.97
N ILE D 167 -3.10 -7.10 -27.51
CA ILE D 167 -2.09 -7.75 -26.67
C ILE D 167 -1.64 -6.80 -25.58
N PHE D 168 -1.42 -5.53 -25.95
CA PHE D 168 -1.13 -4.48 -24.98
C PHE D 168 -2.16 -4.44 -23.87
N ILE D 169 -3.45 -4.47 -24.21
CA ILE D 169 -4.47 -4.28 -23.17
C ILE D 169 -4.46 -5.45 -22.20
N LYS D 170 -4.50 -6.69 -22.72
CA LYS D 170 -4.57 -7.85 -21.82
C LYS D 170 -3.31 -8.00 -21.00
N SER D 171 -2.17 -7.74 -21.60
CA SER D 171 -0.92 -7.88 -20.89
C SER D 171 -0.81 -6.86 -19.77
N THR D 172 -1.19 -5.61 -20.05
CA THR D 172 -1.25 -4.57 -19.03
C THR D 172 -2.15 -4.98 -17.86
N LEU D 173 -3.39 -5.39 -18.16
CA LEU D 173 -4.36 -5.71 -17.13
C LEU D 173 -4.07 -7.04 -16.44
N ASP D 174 -3.80 -8.11 -17.21
CA ASP D 174 -3.37 -9.37 -16.59
C ASP D 174 -2.17 -9.16 -15.66
N GLY D 175 -1.26 -8.26 -16.02
CA GLY D 175 -0.09 -8.04 -15.21
C GLY D 175 -0.42 -7.42 -13.86
N LEU D 176 -1.33 -6.46 -13.86
CA LEU D 176 -1.80 -5.90 -12.59
C LEU D 176 -2.43 -6.99 -11.74
N ILE D 177 -3.34 -7.77 -12.32
CA ILE D 177 -4.01 -8.83 -11.58
C ILE D 177 -3.01 -9.85 -11.07
N TRP D 178 -2.06 -10.25 -11.91
CA TRP D 178 -1.08 -11.24 -11.47
C TRP D 178 -0.22 -10.68 -10.35
N ARG D 179 0.30 -9.47 -10.54
CA ARG D 179 1.06 -8.79 -9.48
C ARG D 179 0.28 -8.76 -8.16
N TRP D 180 -0.98 -8.33 -8.21
CA TRP D 180 -1.75 -8.16 -6.99
C TRP D 180 -1.93 -9.49 -6.27
N PHE D 181 -2.35 -10.52 -6.98
CA PHE D 181 -2.62 -11.81 -6.33
C PHE D 181 -1.34 -12.49 -5.86
N SER D 182 -0.30 -12.55 -6.70
CA SER D 182 0.86 -13.35 -6.32
C SER D 182 1.79 -12.64 -5.34
N SER D 183 1.57 -11.36 -5.09
CA SER D 183 2.27 -10.68 -4.02
C SER D 183 1.55 -10.82 -2.69
N GLY D 184 0.41 -11.52 -2.65
CA GLY D 184 -0.44 -11.55 -1.46
C GLY D 184 -1.23 -10.28 -1.22
N GLU D 185 -1.69 -9.63 -2.30
CA GLU D 185 -2.42 -8.37 -2.20
C GLU D 185 -1.66 -7.34 -1.39
N SER D 186 -0.36 -7.26 -1.67
CA SER D 186 0.54 -6.44 -0.89
C SER D 186 0.55 -4.97 -1.36
N PHE D 187 -0.47 -4.50 -2.07
CA PHE D 187 -0.58 -3.08 -2.40
C PHE D 187 -2.06 -2.79 -2.63
N ASP D 188 -2.40 -1.51 -2.64
CA ASP D 188 -3.80 -1.11 -2.67
C ASP D 188 -4.25 -1.03 -4.12
N LEU D 189 -5.05 -2.01 -4.55
CA LEU D 189 -5.53 -2.04 -5.92
C LEU D 189 -6.40 -0.83 -6.24
N GLY D 190 -7.14 -0.31 -5.25
CA GLY D 190 -8.02 0.82 -5.52
C GLY D 190 -7.27 2.10 -5.85
N LYS D 191 -6.07 2.26 -5.31
CA LYS D 191 -5.23 3.38 -5.69
C LYS D 191 -4.46 3.10 -6.97
N THR D 192 -3.89 1.88 -7.11
CA THR D 192 -3.02 1.57 -8.24
C THR D 192 -3.81 1.41 -9.54
N ALA D 193 -4.87 0.61 -9.55
CA ALA D 193 -5.53 0.31 -10.81
C ALA D 193 -5.96 1.55 -11.61
N PRO D 194 -6.52 2.61 -11.02
CA PRO D 194 -6.95 3.74 -11.86
C PRO D 194 -5.80 4.40 -12.57
N ARG D 195 -4.63 4.45 -11.94
CA ARG D 195 -3.44 5.03 -12.57
C ARG D 195 -2.99 4.20 -13.77
N ILE D 196 -2.76 2.90 -13.55
CA ILE D 196 -2.49 1.97 -14.66
C ILE D 196 -3.49 2.15 -15.79
N ILE D 197 -4.79 2.15 -15.47
CA ILE D 197 -5.79 2.26 -16.52
C ILE D 197 -5.68 3.60 -17.24
N GLY D 198 -5.42 4.68 -16.51
CA GLY D 198 -5.26 5.96 -17.17
C GLY D 198 -4.06 5.96 -18.09
N ILE D 199 -2.92 5.46 -17.60
CA ILE D 199 -1.72 5.44 -18.43
C ILE D 199 -1.95 4.58 -19.67
N ASP D 202 -4.06 6.43 -22.19
CA ASP D 202 -3.25 7.48 -22.78
C ASP D 202 -2.33 6.91 -23.85
N ASN D 203 -1.70 5.76 -23.56
CA ASN D 203 -0.82 5.13 -24.54
C ASN D 203 -1.61 4.72 -25.78
N LEU D 204 -2.78 4.11 -25.58
CA LEU D 204 -3.60 3.68 -26.71
C LEU D 204 -4.01 4.88 -27.57
N GLU D 205 -4.26 6.03 -26.95
CA GLU D 205 -4.65 7.21 -27.72
C GLU D 205 -3.46 7.80 -28.45
N ASN D 206 -2.32 7.99 -27.76
CA ASN D 206 -1.24 8.86 -28.21
C ASN D 206 0.06 8.16 -28.64
N HIS D 207 0.42 7.00 -28.07
CA HIS D 207 1.78 6.50 -28.25
C HIS D 207 2.01 6.02 -29.67
N PRO D 208 3.10 6.43 -30.32
CA PRO D 208 3.33 5.99 -31.70
C PRO D 208 3.66 4.51 -31.81
N CYS D 209 4.20 3.89 -30.75
CA CYS D 209 4.48 2.46 -30.81
C CYS D 209 3.22 1.64 -31.00
N LEU D 210 2.05 2.24 -30.79
CA LEU D 210 0.81 1.50 -30.94
C LEU D 210 0.12 1.82 -32.26
N ARG D 211 0.80 2.51 -33.17
CA ARG D 211 0.32 2.75 -34.53
C ARG D 211 0.94 1.76 -35.51
N ARG D 212 0.44 1.80 -36.75
CA ARG D 212 1.06 1.01 -37.81
C ARG D 212 2.24 1.74 -38.43
N LYS D 213 2.17 3.07 -38.53
CA LYS D 213 3.16 3.92 -39.23
C LYS D 213 4.61 3.62 -38.85
#